data_5ZCU
#
_entry.id   5ZCU
#
_cell.length_a   75.036
_cell.length_b   134.577
_cell.length_c   190.267
_cell.angle_alpha   90.00
_cell.angle_beta   90.00
_cell.angle_gamma   90.00
#
_symmetry.space_group_name_H-M   'C 2 2 21'
#
loop_
_entity.id
_entity.type
_entity.pdbx_description
1 polymer 'Probable protein phosphatase 2C 50'
2 polymer 'ABA receptor RCAR3'
3 non-polymer 'MAGNESIUM ION'
4 non-polymer 4-bromo-N-(pyridin-2-ylmethyl)naphthalene-1-sulfonamide
5 non-polymer 'SULFATE ION'
6 water water
#
loop_
_entity_poly.entity_id
_entity_poly.type
_entity_poly.pdbx_seq_one_letter_code
_entity_poly.pdbx_strand_id
1 'polypeptide(L)'
;APVWGCASTRGRSAEMEDASAAVPRFADVPVRLLASRRDLDALGLDADALRLPAHLFGVFDGHGGAEVANYCRERIHVVL
SAALARLGKNLGEMGEVDMKEHWDDVFTKCFQRVDDEVSGRVTRVVNGGGEVRSEPVTAENVGSTAVVALVCSSHVVVAN
CGDSRIVLCRGKEPVALSIDHKPDRKDERARIEAQGGKVIQWNGYRVSGILAMSRSIGDRYLKPFVIPKPEVMVVPRAKD
DDCLILASDGLWDVVSNEEACKVARRQILLWHKNNGAASPLSDEGEGSTDPAAQAAADYLMRLALKKGSEDNITVIVVDL
KPRKKLKN
;
A,B
2 'polypeptide(L)'
;ETEYVRRFHRHEPRDHQCSSAVAKHIKAPVHLVWSLVRRFDQPQLFKPFVSRCEMKGNIEIGSVREVNVKSGLPATRSTE
RLELLDDNEHILSVRFVGGDHRLKNYSSILTVHPEVIDGRPGTLVIESFVVDVPEGNTKDETCYFVEALLKCNLKSLAEV
SERLVVKDQTEPLDR
;
C,D
#
loop_
_chem_comp.id
_chem_comp.type
_chem_comp.name
_chem_comp.formula
MG non-polymer 'MAGNESIUM ION' 'Mg 2'
PYV non-polymer 4-bromo-N-(pyridin-2-ylmethyl)naphthalene-1-sulfonamide 'C16 H13 Br N2 O2 S'
SO4 non-polymer 'SULFATE ION' 'O4 S -2'
#
# COMPACT_ATOMS: atom_id res chain seq x y z
N ALA A 1 -27.93 -18.11 -17.11
CA ALA A 1 -28.30 -16.72 -16.86
C ALA A 1 -27.17 -15.87 -16.23
N PRO A 2 -26.50 -16.35 -15.18
CA PRO A 2 -25.42 -15.56 -14.60
C PRO A 2 -24.18 -15.57 -15.47
N VAL A 3 -23.39 -14.50 -15.36
CA VAL A 3 -22.22 -14.26 -16.19
C VAL A 3 -21.03 -14.05 -15.25
N TRP A 4 -20.11 -15.01 -15.23
CA TRP A 4 -19.01 -14.96 -14.27
C TRP A 4 -17.79 -15.68 -14.82
N GLY A 5 -16.64 -15.41 -14.18
CA GLY A 5 -15.43 -16.16 -14.43
C GLY A 5 -14.74 -16.48 -13.12
N CYS A 6 -13.90 -17.51 -13.16
CA CYS A 6 -13.24 -18.01 -11.95
C CYS A 6 -11.83 -18.48 -12.27
N ALA A 7 -10.85 -17.94 -11.54
CA ALA A 7 -9.45 -18.32 -11.67
C ALA A 7 -8.87 -18.62 -10.29
N SER A 8 -8.01 -19.64 -10.22
CA SER A 8 -7.43 -20.06 -8.95
C SER A 8 -6.08 -20.74 -9.19
N THR A 9 -5.19 -20.62 -8.21
CA THR A 9 -3.86 -21.21 -8.31
C THR A 9 -3.22 -21.32 -6.93
N ARG A 10 -2.38 -22.34 -6.77
CA ARG A 10 -1.46 -22.44 -5.63
C ARG A 10 -0.67 -21.17 -5.41
N GLY A 11 -0.05 -20.62 -6.47
CA GLY A 11 0.95 -19.57 -6.31
C GLY A 11 2.29 -20.17 -5.86
N ARG A 12 3.06 -19.40 -5.07
CA ARG A 12 4.22 -19.99 -4.41
C ARG A 12 3.86 -20.94 -3.30
N SER A 13 2.60 -20.97 -2.89
CA SER A 13 2.28 -21.78 -1.74
C SER A 13 2.48 -23.25 -2.06
N ALA A 14 2.83 -24.03 -1.03
CA ALA A 14 3.11 -25.44 -1.23
C ALA A 14 1.87 -26.18 -1.69
N GLU A 15 0.77 -26.04 -0.95
CA GLU A 15 -0.44 -26.78 -1.20
C GLU A 15 -1.60 -25.83 -1.49
N MET A 16 -2.60 -26.33 -2.21
CA MET A 16 -3.78 -25.56 -2.58
C MET A 16 -4.86 -25.81 -1.53
N GLU A 17 -5.22 -24.77 -0.79
CA GLU A 17 -6.27 -24.87 0.22
C GLU A 17 -7.41 -23.89 -0.03
N ASP A 18 -7.40 -23.18 -1.15
CA ASP A 18 -8.51 -22.35 -1.56
C ASP A 18 -9.54 -23.19 -2.30
N ALA A 19 -10.79 -22.78 -2.21
CA ALA A 19 -11.87 -23.41 -2.97
C ALA A 19 -12.87 -22.33 -3.38
N SER A 20 -13.68 -22.65 -4.38
CA SER A 20 -14.68 -21.70 -4.86
C SER A 20 -15.91 -22.43 -5.34
N ALA A 21 -17.00 -21.68 -5.47
CA ALA A 21 -18.28 -22.23 -5.87
C ALA A 21 -19.03 -21.20 -6.71
N ALA A 22 -19.75 -21.70 -7.73
CA ALA A 22 -20.57 -20.85 -8.58
C ALA A 22 -21.76 -21.70 -9.02
N VAL A 23 -22.90 -21.51 -8.37
CA VAL A 23 -24.07 -22.36 -8.57
C VAL A 23 -25.19 -21.51 -9.14
N PRO A 24 -25.46 -21.62 -10.44
CA PRO A 24 -26.59 -20.88 -11.02
C PRO A 24 -27.91 -21.52 -10.63
N ARG A 25 -28.91 -20.66 -10.41
CA ARG A 25 -30.25 -21.08 -10.03
C ARG A 25 -30.22 -22.11 -8.90
N PHE A 26 -29.43 -21.79 -7.88
CA PHE A 26 -29.28 -22.70 -6.75
C PHE A 26 -30.51 -22.73 -5.86
N ALA A 27 -31.36 -21.71 -5.92
CA ALA A 27 -32.52 -21.62 -5.06
C ALA A 27 -33.48 -20.59 -5.63
N ASP A 28 -34.65 -20.49 -5.00
CA ASP A 28 -35.65 -19.48 -5.32
C ASP A 28 -35.91 -18.66 -4.06
N VAL A 29 -35.65 -17.36 -4.14
CA VAL A 29 -35.78 -16.47 -2.99
C VAL A 29 -37.19 -15.94 -2.88
N PRO A 30 -37.83 -16.02 -1.72
CA PRO A 30 -39.16 -15.41 -1.54
C PRO A 30 -39.06 -13.90 -1.64
N VAL A 31 -39.80 -13.32 -2.58
CA VAL A 31 -39.65 -11.91 -2.93
C VAL A 31 -39.92 -10.98 -1.76
N ARG A 32 -40.63 -11.44 -0.72
CA ARG A 32 -40.85 -10.59 0.44
C ARG A 32 -39.55 -10.24 1.16
N LEU A 33 -38.45 -10.90 0.82
CA LEU A 33 -37.13 -10.53 1.30
C LEU A 33 -36.44 -9.51 0.39
N LEU A 34 -37.05 -9.17 -0.75
CA LEU A 34 -36.44 -8.29 -1.73
C LEU A 34 -37.28 -7.08 -2.08
N ALA A 35 -38.57 -7.07 -1.73
CA ALA A 35 -39.43 -5.95 -2.07
C ALA A 35 -40.43 -5.72 -0.96
N SER A 36 -40.81 -4.46 -0.78
CA SER A 36 -41.83 -4.11 0.20
C SER A 36 -43.15 -4.76 -0.17
N ARG A 37 -43.89 -5.22 0.84
CA ARG A 37 -45.19 -5.85 0.60
C ARG A 37 -46.12 -4.89 -0.12
N ARG A 38 -46.01 -3.60 0.16
CA ARG A 38 -46.93 -2.59 -0.32
C ARG A 38 -46.55 -2.08 -1.70
N ASP A 39 -45.28 -2.22 -2.10
CA ASP A 39 -44.89 -1.85 -3.45
C ASP A 39 -45.24 -2.94 -4.45
N LEU A 40 -45.24 -4.20 -4.02
CA LEU A 40 -45.76 -5.28 -4.84
C LEU A 40 -47.28 -5.38 -4.74
N ASP A 41 -47.86 -4.98 -3.61
CA ASP A 41 -49.31 -4.91 -3.49
C ASP A 41 -49.89 -3.85 -4.42
N ALA A 42 -49.09 -2.83 -4.77
CA ALA A 42 -49.55 -1.82 -5.73
C ALA A 42 -49.75 -2.44 -7.12
N LEU A 43 -48.97 -3.45 -7.46
CA LEU A 43 -49.16 -4.20 -8.70
C LEU A 43 -50.06 -5.40 -8.51
N GLY A 44 -50.69 -5.51 -7.34
CA GLY A 44 -51.54 -6.64 -7.02
C GLY A 44 -50.82 -7.97 -6.92
N LEU A 45 -49.50 -7.95 -6.79
CA LEU A 45 -48.70 -9.17 -6.73
C LEU A 45 -48.21 -9.30 -5.29
N ASP A 46 -48.96 -10.04 -4.48
CA ASP A 46 -48.55 -10.23 -3.09
C ASP A 46 -47.35 -11.16 -3.04
N ALA A 47 -46.26 -10.67 -2.45
CA ALA A 47 -44.96 -11.34 -2.46
C ALA A 47 -44.92 -12.59 -1.58
N ASP A 48 -46.00 -12.93 -0.87
CA ASP A 48 -45.96 -14.15 -0.06
C ASP A 48 -45.97 -15.40 -0.93
N ALA A 49 -46.38 -15.28 -2.19
CA ALA A 49 -46.34 -16.38 -3.16
C ALA A 49 -45.26 -16.25 -4.21
N LEU A 50 -44.83 -15.03 -4.53
CA LEU A 50 -43.79 -14.84 -5.53
C LEU A 50 -42.45 -15.39 -5.04
N ARG A 51 -41.69 -15.96 -5.97
CA ARG A 51 -40.29 -16.30 -5.73
C ARG A 51 -39.49 -16.01 -6.99
N LEU A 52 -38.19 -15.76 -6.80
CA LEU A 52 -37.30 -15.43 -7.91
C LEU A 52 -36.02 -16.26 -7.80
N PRO A 53 -35.56 -16.83 -8.91
CA PRO A 53 -34.32 -17.63 -8.85
C PRO A 53 -33.11 -16.76 -8.58
N ALA A 54 -32.10 -17.38 -7.97
CA ALA A 54 -30.89 -16.68 -7.56
C ALA A 54 -29.69 -17.59 -7.75
N HIS A 55 -28.52 -16.98 -7.89
CA HIS A 55 -27.27 -17.69 -8.12
C HIS A 55 -26.33 -17.46 -6.95
N LEU A 56 -25.55 -18.49 -6.62
CA LEU A 56 -24.66 -18.46 -5.47
C LEU A 56 -23.21 -18.51 -5.95
N PHE A 57 -22.42 -17.54 -5.53
CA PHE A 57 -20.97 -17.52 -5.72
C PHE A 57 -20.29 -17.46 -4.36
N GLY A 58 -19.21 -18.21 -4.22
CA GLY A 58 -18.52 -18.26 -2.93
C GLY A 58 -17.05 -18.57 -3.08
N VAL A 59 -16.26 -17.99 -2.19
CA VAL A 59 -14.83 -18.24 -2.10
C VAL A 59 -14.52 -18.68 -0.67
N PHE A 60 -13.69 -19.73 -0.53
CA PHE A 60 -13.43 -20.35 0.77
C PHE A 60 -11.93 -20.55 0.92
N ASP A 61 -11.30 -19.67 1.70
CA ASP A 61 -9.87 -19.74 1.98
C ASP A 61 -9.66 -20.70 3.16
N GLY A 62 -9.16 -21.89 2.87
CA GLY A 62 -8.91 -22.85 3.92
C GLY A 62 -7.56 -22.63 4.60
N HIS A 63 -7.47 -23.09 5.84
CA HIS A 63 -6.21 -23.09 6.59
C HIS A 63 -6.11 -24.40 7.37
N GLY A 64 -4.87 -24.81 7.62
CA GLY A 64 -4.62 -26.09 8.26
C GLY A 64 -4.90 -27.29 7.36
N GLY A 65 -5.18 -27.06 6.09
CA GLY A 65 -5.61 -28.15 5.24
C GLY A 65 -6.70 -27.67 4.32
N ALA A 66 -7.16 -28.48 3.37
CA ALA A 66 -8.15 -28.00 2.41
C ALA A 66 -9.51 -28.64 2.55
N GLU A 67 -9.60 -29.65 3.41
CA GLU A 67 -10.82 -30.42 3.61
C GLU A 67 -12.04 -29.64 4.08
N VAL A 68 -11.81 -28.56 4.82
CA VAL A 68 -12.94 -27.77 5.32
C VAL A 68 -13.41 -26.78 4.24
N ALA A 69 -12.49 -26.18 3.49
CA ALA A 69 -12.88 -25.30 2.38
C ALA A 69 -13.63 -26.08 1.31
N ASN A 70 -13.14 -27.27 0.97
CA ASN A 70 -13.83 -28.10 -0.01
C ASN A 70 -15.23 -28.48 0.46
N TYR A 71 -15.38 -28.73 1.76
CA TYR A 71 -16.70 -29.04 2.29
C TYR A 71 -17.65 -27.86 2.14
N CYS A 72 -17.15 -26.64 2.30
CA CYS A 72 -17.99 -25.45 2.15
C CYS A 72 -18.47 -25.30 0.72
N ARG A 73 -17.59 -25.57 -0.26
CA ARG A 73 -17.98 -25.49 -1.66
C ARG A 73 -19.09 -26.49 -1.98
N GLU A 74 -19.03 -27.69 -1.40
CA GLU A 74 -20.02 -28.72 -1.70
C GLU A 74 -21.35 -28.48 -1.00
N ARG A 75 -21.33 -27.93 0.21
CA ARG A 75 -22.47 -28.05 1.11
C ARG A 75 -23.21 -26.74 1.40
N ILE A 76 -22.54 -25.60 1.37
CA ILE A 76 -23.15 -24.37 1.85
C ILE A 76 -24.35 -23.98 1.00
N HIS A 77 -24.22 -24.08 -0.33
CA HIS A 77 -25.33 -23.68 -1.19
C HIS A 77 -26.51 -24.65 -1.07
N VAL A 78 -26.24 -25.93 -0.88
CA VAL A 78 -27.32 -26.90 -0.67
C VAL A 78 -28.08 -26.58 0.61
N VAL A 79 -27.36 -26.26 1.67
CA VAL A 79 -28.00 -25.92 2.94
C VAL A 79 -28.75 -24.60 2.82
N LEU A 80 -28.15 -23.62 2.11
CA LEU A 80 -28.81 -22.33 1.90
C LEU A 80 -30.12 -22.51 1.13
N SER A 81 -30.12 -23.37 0.11
CA SER A 81 -31.31 -23.55 -0.72
C SER A 81 -32.45 -24.17 0.09
N ALA A 82 -32.16 -25.22 0.86
CA ALA A 82 -33.17 -25.81 1.72
C ALA A 82 -33.67 -24.81 2.74
N ALA A 83 -32.79 -23.93 3.20
CA ALA A 83 -33.20 -22.89 4.15
C ALA A 83 -34.11 -21.86 3.51
N LEU A 84 -33.88 -21.52 2.24
CA LEU A 84 -34.72 -20.54 1.56
C LEU A 84 -36.09 -21.12 1.24
N ALA A 85 -36.10 -22.33 0.80
CA ALA A 85 -37.31 -22.96 0.43
C ALA A 85 -38.33 -23.08 1.55
N ARG A 86 -37.86 -23.25 2.78
CA ARG A 86 -38.74 -23.39 3.94
C ARG A 86 -39.19 -22.05 4.51
N LEU A 87 -38.36 -21.02 4.37
CA LEU A 87 -38.70 -19.72 4.88
C LEU A 87 -39.84 -19.25 4.08
N GLY A 88 -39.93 -19.65 2.82
CA GLY A 88 -41.07 -19.21 2.04
C GLY A 88 -42.38 -19.78 2.54
N LYS A 89 -42.35 -20.98 3.09
CA LYS A 89 -43.54 -21.63 3.64
C LYS A 89 -43.98 -20.92 4.92
N ASP A 98 -39.27 -7.69 9.97
CA ASP A 98 -38.11 -7.06 9.35
C ASP A 98 -37.35 -8.06 8.48
N MET A 99 -37.08 -7.66 7.23
CA MET A 99 -36.46 -8.56 6.27
C MET A 99 -34.95 -8.63 6.43
N LYS A 100 -34.32 -7.57 6.93
CA LYS A 100 -32.90 -7.65 7.25
C LYS A 100 -32.63 -8.72 8.31
N GLU A 101 -33.48 -8.77 9.35
CA GLU A 101 -33.34 -9.80 10.37
C GLU A 101 -33.49 -11.19 9.78
N HIS A 102 -34.42 -11.35 8.82
CA HIS A 102 -34.65 -12.67 8.24
C HIS A 102 -33.47 -13.13 7.41
N TRP A 103 -32.85 -12.22 6.65
CA TRP A 103 -31.65 -12.57 5.89
C TRP A 103 -30.53 -13.01 6.82
N ASP A 104 -30.31 -12.28 7.91
CA ASP A 104 -29.29 -12.68 8.87
C ASP A 104 -29.60 -14.03 9.50
N ASP A 105 -30.88 -14.35 9.70
CA ASP A 105 -31.24 -15.58 10.38
C ASP A 105 -31.05 -16.78 9.47
N VAL A 106 -31.40 -16.65 8.19
CA VAL A 106 -31.23 -17.77 7.26
C VAL A 106 -29.76 -18.03 7.00
N PHE A 107 -28.94 -16.97 7.00
CA PHE A 107 -27.51 -17.14 6.80
C PHE A 107 -26.80 -17.63 8.06
N THR A 108 -27.24 -17.16 9.22
CA THR A 108 -26.62 -17.60 10.47
C THR A 108 -26.89 -19.08 10.73
N LYS A 109 -28.13 -19.52 10.52
CA LYS A 109 -28.47 -20.92 10.75
C LYS A 109 -27.84 -21.83 9.70
N CYS A 110 -27.60 -21.31 8.49
CA CYS A 110 -26.95 -22.12 7.47
C CYS A 110 -25.47 -22.29 7.76
N PHE A 111 -24.79 -21.20 8.12
CA PHE A 111 -23.37 -21.29 8.45
C PHE A 111 -23.16 -22.12 9.71
N GLN A 112 -24.04 -21.98 10.70
CA GLN A 112 -23.94 -22.78 11.92
C GLN A 112 -24.14 -24.26 11.62
N ARG A 113 -25.09 -24.58 10.73
CA ARG A 113 -25.35 -25.98 10.41
C ARG A 113 -24.14 -26.62 9.73
N VAL A 114 -23.52 -25.89 8.79
CA VAL A 114 -22.32 -26.41 8.13
C VAL A 114 -21.18 -26.55 9.13
N ASP A 115 -21.02 -25.57 10.03
CA ASP A 115 -20.00 -25.66 11.05
C ASP A 115 -20.22 -26.86 11.96
N ASP A 116 -21.47 -27.10 12.36
CA ASP A 116 -21.77 -28.26 13.19
C ASP A 116 -21.54 -29.57 12.44
N GLU A 117 -21.77 -29.58 11.12
CA GLU A 117 -21.46 -30.76 10.33
C GLU A 117 -19.95 -30.99 10.25
N VAL A 118 -19.18 -29.91 10.05
CA VAL A 118 -17.73 -30.04 9.93
C VAL A 118 -17.12 -30.57 11.22
N SER A 119 -17.62 -30.10 12.37
CA SER A 119 -17.06 -30.44 13.66
C SER A 119 -17.62 -31.73 14.25
N GLY A 120 -18.57 -32.37 13.58
CA GLY A 120 -19.12 -33.61 14.06
C GLY A 120 -20.15 -33.51 15.17
N ARG A 121 -20.67 -32.32 15.48
CA ARG A 121 -21.70 -32.20 16.50
C ARG A 121 -23.07 -32.64 16.01
N VAL A 122 -23.32 -32.59 14.71
CA VAL A 122 -24.51 -33.18 14.13
C VAL A 122 -24.04 -34.08 13.00
N THR A 123 -24.95 -34.96 12.56
CA THR A 123 -24.64 -35.94 11.55
C THR A 123 -24.85 -35.36 10.15
N ARG A 124 -24.26 -36.01 9.16
CA ARG A 124 -24.36 -35.58 7.78
C ARG A 124 -24.62 -36.79 6.88
N VAL A 125 -25.25 -36.52 5.74
CA VAL A 125 -25.69 -37.55 4.81
C VAL A 125 -24.62 -37.79 3.75
N VAL A 126 -24.42 -39.06 3.41
CA VAL A 126 -23.47 -39.43 2.37
C VAL A 126 -24.16 -40.35 1.35
N GLY A 129 -25.58 -41.57 -1.61
CA GLY A 129 -25.94 -42.64 -0.69
C GLY A 129 -27.03 -42.24 0.29
N GLY A 130 -27.33 -43.14 1.22
CA GLY A 130 -28.38 -42.89 2.20
C GLY A 130 -27.94 -43.18 3.62
N GLU A 131 -26.64 -43.26 3.85
CA GLU A 131 -26.09 -43.47 5.18
C GLU A 131 -25.66 -42.14 5.77
N VAL A 132 -25.17 -42.20 7.00
CA VAL A 132 -24.92 -40.99 7.80
C VAL A 132 -23.53 -41.11 8.42
N ARG A 133 -22.80 -39.99 8.43
CA ARG A 133 -21.52 -39.90 9.10
C ARG A 133 -21.64 -38.89 10.24
N SER A 134 -21.06 -39.23 11.40
CA SER A 134 -21.10 -38.34 12.56
C SER A 134 -19.73 -37.89 13.05
N GLU A 135 -18.64 -38.50 12.58
CA GLU A 135 -17.32 -38.06 12.98
C GLU A 135 -17.02 -36.69 12.38
N PRO A 136 -16.13 -35.91 13.01
CA PRO A 136 -15.70 -34.65 12.40
C PRO A 136 -15.09 -34.89 11.03
N VAL A 137 -15.23 -33.89 10.15
CA VAL A 137 -14.73 -34.01 8.79
C VAL A 137 -13.21 -34.13 8.77
N THR A 138 -12.52 -33.46 9.67
CA THR A 138 -11.07 -33.50 9.70
C THR A 138 -10.58 -33.02 11.07
N ALA A 139 -9.28 -32.74 11.15
CA ALA A 139 -8.64 -32.41 12.42
C ALA A 139 -9.17 -31.09 12.98
N GLU A 140 -8.81 -30.83 14.24
CA GLU A 140 -9.38 -29.70 14.96
C GLU A 140 -8.83 -28.37 14.48
N ASN A 141 -7.63 -28.35 13.92
CA ASN A 141 -6.98 -27.12 13.49
C ASN A 141 -7.32 -26.72 12.06
N VAL A 142 -8.19 -27.45 11.38
CA VAL A 142 -8.53 -27.17 9.99
C VAL A 142 -9.78 -26.29 9.95
N GLY A 143 -9.70 -25.20 9.19
CA GLY A 143 -10.82 -24.29 9.06
C GLY A 143 -10.81 -23.63 7.70
N SER A 144 -11.75 -22.71 7.50
CA SER A 144 -11.88 -22.02 6.22
C SER A 144 -12.68 -20.74 6.39
N THR A 145 -12.30 -19.71 5.65
CA THR A 145 -13.17 -18.56 5.49
C THR A 145 -14.34 -18.90 4.58
N ALA A 146 -15.35 -18.04 4.58
CA ALA A 146 -16.46 -18.17 3.64
C ALA A 146 -17.04 -16.79 3.38
N VAL A 147 -16.94 -16.33 2.14
CA VAL A 147 -17.64 -15.14 1.68
C VAL A 147 -18.51 -15.57 0.50
N VAL A 148 -19.81 -15.40 0.62
CA VAL A 148 -20.75 -15.85 -0.40
C VAL A 148 -21.56 -14.68 -0.89
N ALA A 149 -21.90 -14.71 -2.18
CA ALA A 149 -22.71 -13.70 -2.82
C ALA A 149 -23.97 -14.35 -3.40
N LEU A 150 -25.12 -13.99 -2.84
CA LEU A 150 -26.41 -14.37 -3.41
C LEU A 150 -26.82 -13.29 -4.41
N VAL A 151 -26.88 -13.66 -5.69
CA VAL A 151 -27.17 -12.70 -6.76
C VAL A 151 -28.51 -13.09 -7.39
N CYS A 152 -29.48 -12.16 -7.31
CA CYS A 152 -30.73 -12.26 -8.03
C CYS A 152 -30.94 -10.99 -8.83
N SER A 153 -32.09 -10.88 -9.49
CA SER A 153 -32.32 -9.76 -10.40
C SER A 153 -32.36 -8.42 -9.68
N SER A 154 -32.88 -8.40 -8.44
CA SER A 154 -33.09 -7.15 -7.73
C SER A 154 -32.01 -6.83 -6.72
N HIS A 155 -31.39 -7.82 -6.10
CA HIS A 155 -30.48 -7.57 -4.99
C HIS A 155 -29.23 -8.43 -5.12
N VAL A 156 -28.18 -7.98 -4.44
CA VAL A 156 -27.01 -8.78 -4.12
C VAL A 156 -26.97 -8.92 -2.61
N VAL A 157 -26.98 -10.15 -2.11
CA VAL A 157 -26.92 -10.41 -0.67
C VAL A 157 -25.59 -11.08 -0.37
N VAL A 158 -24.83 -10.46 0.54
CA VAL A 158 -23.48 -10.92 0.88
C VAL A 158 -23.49 -11.41 2.33
N ALA A 159 -22.89 -12.57 2.56
CA ALA A 159 -22.67 -13.09 3.90
C ALA A 159 -21.19 -13.40 4.03
N ASN A 160 -20.52 -12.78 5.00
CA ASN A 160 -19.08 -12.90 5.14
C ASN A 160 -18.72 -13.53 6.47
N CYS A 161 -17.76 -14.45 6.43
CA CYS A 161 -17.25 -15.13 7.62
C CYS A 161 -15.74 -15.33 7.41
N GLY A 162 -14.95 -14.37 7.87
CA GLY A 162 -13.50 -14.47 7.76
C GLY A 162 -12.84 -13.31 7.05
N ASP A 163 -11.61 -13.51 6.59
CA ASP A 163 -10.83 -12.45 5.98
C ASP A 163 -10.78 -12.53 4.46
N SER A 164 -11.67 -13.32 3.85
CA SER A 164 -11.91 -13.15 2.43
C SER A 164 -12.80 -11.92 2.22
N ARG A 165 -12.87 -11.46 0.97
CA ARG A 165 -13.54 -10.19 0.72
C ARG A 165 -14.27 -10.22 -0.61
N ILE A 166 -15.40 -9.53 -0.66
CA ILE A 166 -16.15 -9.28 -1.88
C ILE A 166 -16.28 -7.77 -2.05
N VAL A 167 -16.05 -7.29 -3.26
CA VAL A 167 -16.06 -5.86 -3.57
C VAL A 167 -16.94 -5.63 -4.80
N LEU A 168 -17.80 -4.63 -4.72
CA LEU A 168 -18.66 -4.24 -5.84
C LEU A 168 -18.11 -3.01 -6.53
N CYS A 169 -18.18 -2.99 -7.86
CA CYS A 169 -17.80 -1.84 -8.66
C CYS A 169 -19.08 -1.14 -9.12
N ARG A 170 -19.35 0.04 -8.57
CA ARG A 170 -20.53 0.81 -8.95
C ARG A 170 -20.23 2.28 -8.72
N GLY A 171 -20.10 3.04 -9.80
CA GLY A 171 -20.03 2.51 -11.14
C GLY A 171 -18.55 2.49 -11.44
N LYS A 172 -17.85 3.43 -10.81
CA LYS A 172 -16.40 3.45 -10.72
C LYS A 172 -15.93 3.37 -9.28
N GLU A 173 -16.80 3.46 -8.32
CA GLU A 173 -16.23 3.22 -7.01
C GLU A 173 -16.07 1.74 -6.76
N PRO A 174 -15.04 1.35 -6.02
CA PRO A 174 -15.13 0.12 -5.24
C PRO A 174 -15.97 0.46 -4.02
N VAL A 175 -16.80 -0.48 -3.61
CA VAL A 175 -17.50 -0.36 -2.35
C VAL A 175 -17.48 -1.73 -1.70
N ALA A 176 -16.91 -1.81 -0.50
CA ALA A 176 -16.73 -3.09 0.16
C ALA A 176 -18.08 -3.59 0.67
N LEU A 177 -18.46 -4.79 0.25
CA LEU A 177 -19.67 -5.42 0.73
C LEU A 177 -19.41 -6.33 1.92
N SER A 178 -18.17 -6.37 2.40
CA SER A 178 -17.80 -7.18 3.55
C SER A 178 -16.60 -6.55 4.23
N ILE A 179 -16.55 -6.68 5.55
CA ILE A 179 -15.44 -6.20 6.37
C ILE A 179 -14.68 -7.40 6.91
N ASP A 180 -13.35 -7.36 6.79
CA ASP A 180 -12.55 -8.50 7.20
C ASP A 180 -12.70 -8.74 8.69
N HIS A 181 -12.85 -10.00 9.07
CA HIS A 181 -12.99 -10.38 10.48
C HIS A 181 -11.60 -10.65 11.05
N LYS A 182 -10.85 -9.57 11.22
CA LYS A 182 -9.54 -9.57 11.86
C LYS A 182 -9.69 -9.40 13.36
N PRO A 183 -8.84 -10.09 14.14
CA PRO A 183 -9.02 -10.05 15.61
C PRO A 183 -8.91 -8.67 16.22
N ASP A 184 -8.02 -7.80 15.70
CA ASP A 184 -7.91 -6.44 16.21
C ASP A 184 -9.18 -5.62 15.98
N ARG A 185 -10.00 -5.96 14.99
CA ARG A 185 -11.22 -5.20 14.74
C ARG A 185 -12.03 -5.08 16.02
N LYS A 186 -12.55 -3.87 16.27
CA LYS A 186 -12.90 -3.47 17.63
C LYS A 186 -14.03 -4.29 18.22
N ASP A 187 -15.10 -4.53 17.47
CA ASP A 187 -16.20 -5.31 18.02
C ASP A 187 -15.83 -6.78 18.17
N GLU A 188 -14.93 -7.29 17.32
CA GLU A 188 -14.49 -8.68 17.46
C GLU A 188 -13.60 -8.84 18.68
N ARG A 189 -12.65 -7.93 18.90
CA ARG A 189 -11.79 -8.00 20.08
C ARG A 189 -12.61 -7.91 21.36
N ALA A 190 -13.63 -7.05 21.38
CA ALA A 190 -14.47 -6.91 22.56
C ALA A 190 -15.25 -8.19 22.84
N ARG A 191 -15.80 -8.80 21.80
CA ARG A 191 -16.53 -10.06 21.98
C ARG A 191 -15.60 -11.16 22.49
N ILE A 192 -14.39 -11.24 21.93
CA ILE A 192 -13.45 -12.29 22.32
C ILE A 192 -13.03 -12.12 23.77
N GLU A 193 -12.65 -10.90 24.15
CA GLU A 193 -12.19 -10.67 25.53
C GLU A 193 -13.32 -10.84 26.54
N ALA A 194 -14.57 -10.57 26.13
CA ALA A 194 -15.69 -10.77 27.04
C ALA A 194 -15.90 -12.22 27.40
N GLN A 195 -15.51 -13.14 26.51
CA GLN A 195 -15.57 -14.57 26.79
C GLN A 195 -14.32 -15.07 27.50
N GLY A 196 -13.48 -14.18 27.99
CA GLY A 196 -12.24 -14.56 28.64
C GLY A 196 -11.09 -14.85 27.71
N GLY A 197 -11.26 -14.65 26.41
CA GLY A 197 -10.19 -14.87 25.46
C GLY A 197 -9.24 -13.69 25.38
N LYS A 198 -8.29 -13.81 24.45
CA LYS A 198 -7.27 -12.78 24.25
C LYS A 198 -6.98 -12.63 22.77
N VAL A 199 -6.71 -11.39 22.35
CA VAL A 199 -6.21 -11.09 21.03
C VAL A 199 -4.77 -10.63 21.17
N ILE A 200 -3.85 -11.38 20.58
CA ILE A 200 -2.41 -11.15 20.75
C ILE A 200 -1.79 -10.82 19.41
N GLN A 201 -0.92 -9.80 19.40
CA GLN A 201 -0.13 -9.51 18.21
C GLN A 201 1.07 -10.44 18.17
N TRP A 202 1.12 -11.29 17.14
CA TRP A 202 2.16 -12.31 17.03
C TRP A 202 2.29 -12.63 15.54
N ASN A 203 3.20 -11.91 14.87
CA ASN A 203 3.12 -11.69 13.43
C ASN A 203 1.70 -11.40 13.01
N GLY A 204 1.19 -10.24 13.40
CA GLY A 204 -0.19 -9.86 13.17
C GLY A 204 -1.08 -10.18 14.36
N TYR A 205 -2.21 -9.50 14.42
CA TYR A 205 -3.17 -9.71 15.50
C TYR A 205 -3.91 -11.03 15.28
N ARG A 206 -3.92 -11.88 16.30
CA ARG A 206 -4.45 -13.23 16.19
C ARG A 206 -5.21 -13.62 17.45
N VAL A 207 -6.29 -14.37 17.28
CA VAL A 207 -6.98 -14.97 18.41
C VAL A 207 -6.05 -15.96 19.08
N SER A 208 -5.83 -15.78 20.39
CA SER A 208 -4.88 -16.58 21.16
C SER A 208 -3.47 -16.49 20.60
N GLY A 209 -3.19 -15.47 19.79
CA GLY A 209 -1.91 -15.37 19.11
C GLY A 209 -1.72 -16.36 17.98
N ILE A 210 -2.76 -17.12 17.62
CA ILE A 210 -2.66 -18.20 16.64
C ILE A 210 -3.32 -17.82 15.32
N LEU A 211 -4.63 -17.60 15.33
CA LEU A 211 -5.42 -17.47 14.10
C LEU A 211 -5.66 -16.00 13.78
N ALA A 212 -5.35 -15.61 12.55
CA ALA A 212 -5.49 -14.24 12.08
C ALA A 212 -6.93 -13.90 11.68
N MET A 213 -7.91 -14.62 12.20
CA MET A 213 -9.31 -14.31 11.95
C MET A 213 -10.12 -14.60 13.22
N SER A 214 -11.20 -13.83 13.40
CA SER A 214 -12.08 -14.02 14.54
C SER A 214 -13.34 -14.80 14.20
N ARG A 215 -13.56 -15.11 12.92
CA ARG A 215 -14.74 -15.82 12.46
C ARG A 215 -14.32 -16.79 11.37
N SER A 216 -14.86 -17.99 11.39
CA SER A 216 -14.52 -18.98 10.37
C SER A 216 -15.47 -20.17 10.50
N ILE A 217 -15.35 -21.09 9.53
CA ILE A 217 -15.99 -22.40 9.59
C ILE A 217 -14.93 -23.42 10.01
N GLY A 218 -15.24 -24.22 11.02
CA GLY A 218 -14.27 -25.18 11.54
C GLY A 218 -13.47 -24.67 12.72
N ASP A 219 -12.19 -25.03 12.78
CA ASP A 219 -11.28 -24.64 13.86
C ASP A 219 -11.92 -24.83 15.24
N ARG A 220 -12.38 -26.05 15.50
CA ARG A 220 -13.06 -26.32 16.76
C ARG A 220 -12.15 -26.15 17.98
N TYR A 221 -10.82 -26.18 17.80
CA TYR A 221 -9.94 -26.00 18.95
C TYR A 221 -9.86 -24.55 19.44
N LEU A 222 -10.36 -23.58 18.68
CA LEU A 222 -10.30 -22.16 19.02
C LEU A 222 -11.65 -21.60 19.45
N LYS A 223 -12.51 -22.44 19.89
CA LYS A 223 -13.88 -22.42 20.36
C LYS A 223 -13.90 -22.05 21.85
N PRO A 224 -14.75 -21.08 22.28
CA PRO A 224 -15.81 -20.39 21.55
C PRO A 224 -15.37 -19.04 20.97
N PHE A 225 -14.08 -18.84 20.74
CA PHE A 225 -13.60 -17.52 20.32
C PHE A 225 -13.80 -17.29 18.82
N VAL A 226 -13.57 -18.31 18.01
CA VAL A 226 -13.75 -18.22 16.56
C VAL A 226 -15.11 -18.80 16.22
N ILE A 227 -16.04 -17.95 15.80
CA ILE A 227 -17.43 -18.34 15.61
C ILE A 227 -17.77 -18.40 14.12
N PRO A 228 -18.80 -19.14 13.70
CA PRO A 228 -19.21 -19.16 12.29
C PRO A 228 -20.29 -18.16 11.90
N LYS A 229 -20.74 -17.31 12.82
CA LYS A 229 -21.70 -16.22 12.54
C LYS A 229 -21.28 -15.35 11.38
N PRO A 230 -22.02 -15.36 10.26
CA PRO A 230 -21.67 -14.50 9.14
C PRO A 230 -22.22 -13.08 9.31
N GLU A 231 -21.56 -12.15 8.62
CA GLU A 231 -21.98 -10.76 8.54
C GLU A 231 -22.70 -10.53 7.22
N VAL A 232 -23.95 -10.10 7.28
CA VAL A 232 -24.83 -10.03 6.11
C VAL A 232 -25.06 -8.58 5.72
N MET A 233 -25.02 -8.29 4.42
CA MET A 233 -25.35 -6.98 3.89
C MET A 233 -26.21 -7.14 2.64
N VAL A 234 -27.40 -6.56 2.66
CA VAL A 234 -28.33 -6.57 1.53
C VAL A 234 -28.18 -5.26 0.77
N VAL A 235 -27.76 -5.35 -0.49
CA VAL A 235 -27.60 -4.17 -1.35
C VAL A 235 -28.47 -4.32 -2.59
N PRO A 236 -29.37 -3.39 -2.85
CA PRO A 236 -30.15 -3.42 -4.10
C PRO A 236 -29.33 -2.98 -5.30
N ARG A 237 -29.51 -3.69 -6.42
CA ARG A 237 -28.79 -3.41 -7.66
C ARG A 237 -29.34 -2.17 -8.37
N ALA A 238 -28.49 -1.18 -8.58
CA ALA A 238 -28.89 0.05 -9.24
C ALA A 238 -28.27 0.14 -10.63
N LYS A 239 -29.09 0.46 -11.63
CA LYS A 239 -28.63 0.57 -13.00
C LYS A 239 -27.33 1.35 -13.08
N ASP A 240 -26.27 0.82 -12.46
CA ASP A 240 -24.97 1.47 -12.44
C ASP A 240 -23.85 0.48 -12.16
N ASP A 241 -24.18 -0.60 -11.47
CA ASP A 241 -23.20 -1.62 -11.12
C ASP A 241 -22.48 -2.11 -12.37
N ASP A 242 -21.19 -2.41 -12.21
CA ASP A 242 -20.38 -2.99 -13.26
C ASP A 242 -20.14 -4.48 -12.99
N CYS A 243 -19.50 -4.81 -11.87
CA CYS A 243 -19.11 -6.19 -11.63
C CYS A 243 -18.97 -6.43 -10.13
N LEU A 244 -19.00 -7.71 -9.76
CA LEU A 244 -18.70 -8.18 -8.42
C LEU A 244 -17.34 -8.87 -8.44
N ILE A 245 -16.55 -8.66 -7.38
CA ILE A 245 -15.26 -9.32 -7.25
C ILE A 245 -15.22 -10.02 -5.89
N LEU A 246 -15.23 -11.35 -5.91
CA LEU A 246 -15.01 -12.17 -4.73
C LEU A 246 -13.62 -12.78 -4.83
N ALA A 247 -12.84 -12.68 -3.75
CA ALA A 247 -11.48 -13.19 -3.80
C ALA A 247 -10.98 -13.50 -2.41
N SER A 248 -10.13 -14.52 -2.31
CA SER A 248 -9.40 -14.78 -1.08
C SER A 248 -8.37 -13.67 -0.85
N ASP A 249 -7.81 -13.65 0.36
CA ASP A 249 -6.84 -12.61 0.69
C ASP A 249 -5.55 -12.73 -0.12
N GLY A 250 -5.38 -13.79 -0.91
CA GLY A 250 -4.25 -13.84 -1.82
C GLY A 250 -4.23 -12.70 -2.81
N LEU A 251 -5.40 -12.19 -3.18
CA LEU A 251 -5.49 -11.03 -4.05
C LEU A 251 -5.46 -9.74 -3.24
N TRP A 252 -6.29 -9.66 -2.20
CA TRP A 252 -6.43 -8.42 -1.45
C TRP A 252 -5.17 -8.07 -0.67
N ASP A 253 -4.25 -9.01 -0.49
CA ASP A 253 -3.01 -8.70 0.21
C ASP A 253 -2.10 -7.79 -0.61
N VAL A 254 -2.22 -7.84 -1.93
CA VAL A 254 -1.36 -7.05 -2.81
C VAL A 254 -2.14 -6.15 -3.76
N VAL A 255 -3.45 -6.31 -3.88
CA VAL A 255 -4.28 -5.50 -4.75
C VAL A 255 -5.35 -4.81 -3.90
N SER A 256 -5.52 -3.51 -4.09
CA SER A 256 -6.49 -2.75 -3.33
C SER A 256 -7.87 -2.85 -3.99
N ASN A 257 -8.89 -2.41 -3.26
CA ASN A 257 -10.25 -2.41 -3.80
C ASN A 257 -10.33 -1.54 -5.04
N GLU A 258 -9.71 -0.36 -5.01
CA GLU A 258 -9.65 0.49 -6.18
C GLU A 258 -8.91 -0.21 -7.33
N GLU A 259 -7.75 -0.79 -7.03
CA GLU A 259 -6.93 -1.45 -8.05
C GLU A 259 -7.69 -2.60 -8.70
N ALA A 260 -8.36 -3.42 -7.90
CA ALA A 260 -9.05 -4.58 -8.45
C ALA A 260 -10.27 -4.17 -9.28
N CYS A 261 -10.99 -3.13 -8.84
CA CYS A 261 -12.20 -2.72 -9.54
C CYS A 261 -11.91 -2.13 -10.92
N LYS A 262 -10.88 -1.27 -11.00
CA LYS A 262 -10.58 -0.57 -12.24
C LYS A 262 -10.04 -1.55 -13.28
N VAL A 263 -9.29 -2.56 -12.80
CA VAL A 263 -8.71 -3.59 -13.69
C VAL A 263 -9.77 -4.55 -14.19
N ALA A 264 -10.64 -5.02 -13.29
CA ALA A 264 -11.68 -5.97 -13.70
C ALA A 264 -12.64 -5.31 -14.67
N ARG A 265 -13.13 -4.12 -14.32
CA ARG A 265 -14.07 -3.40 -15.17
C ARG A 265 -13.47 -3.09 -16.54
N ARG A 266 -12.15 -2.92 -16.63
CA ARG A 266 -11.52 -2.61 -17.91
C ARG A 266 -11.25 -3.88 -18.72
N GLN A 267 -10.92 -4.98 -18.06
CA GLN A 267 -10.73 -6.24 -18.78
C GLN A 267 -12.03 -6.72 -19.41
N ILE A 268 -13.16 -6.49 -18.74
CA ILE A 268 -14.45 -6.86 -19.30
C ILE A 268 -14.72 -6.04 -20.56
N LEU A 269 -14.47 -4.74 -20.51
CA LEU A 269 -14.74 -3.87 -21.64
C LEU A 269 -13.81 -4.16 -22.82
N LEU A 270 -12.54 -4.48 -22.53
CA LEU A 270 -11.60 -4.70 -23.62
C LEU A 270 -11.83 -6.04 -24.30
N TRP A 271 -12.50 -6.99 -23.65
CA TRP A 271 -12.81 -8.25 -24.31
C TRP A 271 -13.94 -8.07 -25.31
N HIS A 272 -14.95 -7.29 -24.94
CA HIS A 272 -16.12 -7.10 -25.79
C HIS A 272 -15.86 -6.18 -26.98
N LYS A 273 -14.92 -5.24 -26.84
CA LYS A 273 -14.55 -4.44 -28.01
C LYS A 273 -13.59 -5.19 -28.92
N ASN A 274 -12.88 -6.20 -28.40
CA ASN A 274 -12.01 -7.03 -29.21
C ASN A 274 -12.71 -8.26 -29.77
N ASN A 275 -13.82 -8.69 -29.18
CA ASN A 275 -14.49 -9.92 -29.59
C ASN A 275 -15.99 -9.67 -29.61
N GLY A 276 -16.76 -10.76 -29.68
CA GLY A 276 -18.21 -10.66 -29.70
C GLY A 276 -18.80 -10.36 -28.34
N SER A 288 -21.64 -22.66 -17.44
CA SER A 288 -20.20 -22.52 -17.60
C SER A 288 -19.76 -21.06 -17.48
N THR A 289 -18.48 -20.81 -17.70
CA THR A 289 -17.93 -19.49 -17.51
C THR A 289 -18.15 -18.63 -18.76
N ASP A 290 -18.05 -17.32 -18.56
CA ASP A 290 -18.14 -16.31 -19.61
C ASP A 290 -16.74 -15.83 -19.99
N PRO A 291 -16.43 -15.74 -21.29
CA PRO A 291 -15.02 -15.49 -21.67
C PRO A 291 -14.52 -14.14 -21.23
N ALA A 292 -15.35 -13.10 -21.33
CA ALA A 292 -14.91 -11.75 -20.94
C ALA A 292 -14.65 -11.68 -19.44
N ALA A 293 -15.56 -12.24 -18.63
CA ALA A 293 -15.37 -12.25 -17.19
C ALA A 293 -14.25 -13.19 -16.78
N GLN A 294 -14.08 -14.31 -17.50
CA GLN A 294 -12.95 -15.20 -17.22
C GLN A 294 -11.63 -14.51 -17.47
N ALA A 295 -11.58 -13.64 -18.49
CA ALA A 295 -10.36 -12.88 -18.76
C ALA A 295 -10.07 -11.91 -17.62
N ALA A 296 -11.11 -11.29 -17.05
CA ALA A 296 -10.90 -10.39 -15.92
C ALA A 296 -10.38 -11.15 -14.71
N ALA A 297 -10.97 -12.32 -14.41
CA ALA A 297 -10.51 -13.10 -13.27
C ALA A 297 -9.09 -13.61 -13.50
N ASP A 298 -8.81 -14.10 -14.72
CA ASP A 298 -7.45 -14.54 -15.04
C ASP A 298 -6.45 -13.39 -14.90
N TYR A 299 -6.81 -12.20 -15.39
CA TYR A 299 -5.91 -11.05 -15.29
C TYR A 299 -5.66 -10.68 -13.84
N LEU A 300 -6.72 -10.62 -13.03
CA LEU A 300 -6.57 -10.26 -11.62
C LEU A 300 -5.71 -11.27 -10.89
N MET A 301 -5.87 -12.55 -11.21
CA MET A 301 -5.06 -13.58 -10.58
C MET A 301 -3.60 -13.43 -10.95
N ARG A 302 -3.31 -13.28 -12.24
CA ARG A 302 -1.91 -13.12 -12.63
C ARG A 302 -1.34 -11.80 -12.11
N LEU A 303 -2.16 -10.74 -12.07
CA LEU A 303 -1.68 -9.46 -11.55
C LEU A 303 -1.25 -9.58 -10.10
N ALA A 304 -2.04 -10.28 -9.28
CA ALA A 304 -1.64 -10.51 -7.89
C ALA A 304 -0.37 -11.35 -7.83
N LEU A 305 -0.18 -12.27 -8.77
CA LEU A 305 1.04 -13.06 -8.82
C LEU A 305 2.25 -12.18 -9.11
N LYS A 306 2.09 -11.16 -9.96
CA LYS A 306 3.22 -10.31 -10.33
C LYS A 306 3.53 -9.25 -9.29
N LYS A 307 2.67 -9.05 -8.29
CA LYS A 307 2.90 -8.05 -7.26
C LYS A 307 3.41 -8.64 -5.96
N GLY A 308 3.82 -9.91 -5.96
CA GLY A 308 4.43 -10.51 -4.79
C GLY A 308 3.46 -11.08 -3.78
N SER A 309 2.50 -11.87 -4.24
CA SER A 309 1.56 -12.56 -3.37
C SER A 309 2.00 -14.02 -3.24
N GLU A 310 2.26 -14.45 -2.01
CA GLU A 310 2.75 -15.81 -1.75
C GLU A 310 1.64 -16.81 -1.45
N ASP A 311 0.39 -16.35 -1.36
CA ASP A 311 -0.72 -17.18 -0.91
C ASP A 311 -1.42 -17.86 -2.09
N ASN A 312 -2.30 -18.80 -1.77
CA ASN A 312 -3.28 -19.26 -2.75
C ASN A 312 -4.09 -18.07 -3.25
N ILE A 313 -4.47 -18.11 -4.52
CA ILE A 313 -5.24 -17.05 -5.15
C ILE A 313 -6.52 -17.66 -5.70
N THR A 314 -7.65 -17.01 -5.44
CA THR A 314 -8.93 -17.41 -6.00
C THR A 314 -9.72 -16.14 -6.27
N VAL A 315 -10.12 -15.94 -7.52
CA VAL A 315 -10.84 -14.74 -7.92
C VAL A 315 -12.09 -15.16 -8.68
N ILE A 316 -13.24 -14.64 -8.25
CA ILE A 316 -14.49 -14.75 -8.99
C ILE A 316 -14.89 -13.35 -9.40
N VAL A 317 -15.12 -13.15 -10.70
CA VAL A 317 -15.63 -11.90 -11.25
C VAL A 317 -17.01 -12.18 -11.81
N VAL A 318 -18.01 -11.47 -11.29
CA VAL A 318 -19.38 -11.62 -11.76
C VAL A 318 -19.77 -10.33 -12.47
N ASP A 319 -20.09 -10.45 -13.75
CA ASP A 319 -20.47 -9.28 -14.54
C ASP A 319 -21.94 -8.98 -14.31
N LEU A 320 -22.23 -7.81 -13.73
CA LEU A 320 -23.59 -7.43 -13.42
C LEU A 320 -24.23 -6.62 -14.55
N VAL B 3 32.78 3.97 -10.90
CA VAL B 3 33.05 4.24 -12.30
C VAL B 3 31.80 4.86 -12.95
N TRP B 4 31.87 6.14 -13.26
CA TRP B 4 30.71 6.87 -13.77
C TRP B 4 31.17 8.02 -14.64
N GLY B 5 30.21 8.57 -15.39
CA GLY B 5 30.44 9.80 -16.13
C GLY B 5 29.24 10.71 -15.97
N CYS B 6 29.47 12.00 -16.19
CA CYS B 6 28.44 13.02 -15.99
C CYS B 6 28.61 14.11 -17.03
N ALA B 7 27.54 14.38 -17.78
CA ALA B 7 27.48 15.44 -18.76
C ALA B 7 26.24 16.28 -18.52
N SER B 8 26.37 17.59 -18.67
CA SER B 8 25.26 18.50 -18.40
C SER B 8 25.46 19.79 -19.19
N THR B 9 24.35 20.42 -19.54
CA THR B 9 24.39 21.69 -20.26
C THR B 9 23.06 22.40 -20.12
N ARG B 10 23.12 23.75 -20.09
CA ARG B 10 21.93 24.55 -20.29
C ARG B 10 21.15 24.08 -21.52
N GLY B 11 21.85 23.83 -22.62
CA GLY B 11 21.20 23.56 -23.87
C GLY B 11 20.69 24.84 -24.51
N ARG B 12 19.56 24.73 -25.21
CA ARG B 12 18.91 25.90 -25.77
C ARG B 12 18.21 26.75 -24.73
N SER B 13 18.08 26.26 -23.50
CA SER B 13 17.41 27.00 -22.43
C SER B 13 18.26 28.19 -21.99
N ALA B 14 17.59 29.22 -21.47
CA ALA B 14 18.30 30.43 -21.05
C ALA B 14 19.22 30.16 -19.87
N GLU B 15 18.69 29.59 -18.79
CA GLU B 15 19.43 29.39 -17.56
C GLU B 15 19.51 27.90 -17.22
N MET B 16 20.54 27.55 -16.45
CA MET B 16 20.76 26.18 -16.02
C MET B 16 20.12 25.95 -14.66
N GLU B 17 19.12 25.07 -14.63
CA GLU B 17 18.45 24.71 -13.39
C GLU B 17 18.56 23.22 -13.09
N ASP B 18 19.33 22.49 -13.89
CA ASP B 18 19.65 21.10 -13.62
C ASP B 18 20.85 21.00 -12.69
N ALA B 19 20.87 19.94 -11.89
CA ALA B 19 22.01 19.62 -11.07
C ALA B 19 22.13 18.11 -10.97
N SER B 20 23.31 17.65 -10.58
CA SER B 20 23.56 16.21 -10.45
C SER B 20 24.53 15.99 -9.30
N ALA B 21 24.60 14.73 -8.85
CA ALA B 21 25.44 14.37 -7.73
C ALA B 21 26.02 12.98 -7.95
N ALA B 22 27.27 12.80 -7.54
CA ALA B 22 27.96 11.51 -7.63
C ALA B 22 28.92 11.45 -6.45
N VAL B 23 28.52 10.74 -5.41
CA VAL B 23 29.24 10.69 -4.14
C VAL B 23 29.70 9.25 -3.91
N PRO B 24 30.98 8.96 -4.12
CA PRO B 24 31.48 7.62 -3.82
C PRO B 24 31.59 7.39 -2.32
N ARG B 25 31.28 6.17 -1.90
CA ARG B 25 31.35 5.77 -0.49
C ARG B 25 30.66 6.78 0.43
N PHE B 26 29.45 7.20 0.02
CA PHE B 26 28.72 8.19 0.79
C PHE B 26 28.16 7.63 2.09
N ALA B 27 28.03 6.31 2.19
CA ALA B 27 27.43 5.69 3.36
C ALA B 27 27.77 4.21 3.35
N ASP B 28 27.37 3.54 4.43
CA ASP B 28 27.47 2.09 4.55
C ASP B 28 26.07 1.54 4.77
N VAL B 29 25.63 0.67 3.87
CA VAL B 29 24.25 0.17 3.89
C VAL B 29 24.15 -1.06 4.79
N PRO B 30 23.25 -1.09 5.78
CA PRO B 30 23.12 -2.27 6.64
C PRO B 30 22.69 -3.49 5.82
N VAL B 31 23.53 -4.53 5.85
CA VAL B 31 23.36 -5.68 4.96
C VAL B 31 22.03 -6.39 5.17
N ARG B 32 21.42 -6.25 6.35
CA ARG B 32 20.13 -6.88 6.57
C ARG B 32 19.04 -6.28 5.71
N LEU B 33 19.31 -5.19 4.99
CA LEU B 33 18.39 -4.65 4.01
C LEU B 33 18.58 -5.26 2.63
N LEU B 34 19.63 -6.06 2.42
CA LEU B 34 19.93 -6.61 1.11
C LEU B 34 20.12 -8.11 1.09
N ALA B 35 20.28 -8.77 2.24
CA ALA B 35 20.48 -10.21 2.26
C ALA B 35 19.82 -10.80 3.49
N SER B 36 19.34 -12.03 3.36
CA SER B 36 18.74 -12.73 4.49
C SER B 36 19.80 -13.00 5.57
N ARG B 37 19.40 -12.83 6.82
CA ARG B 37 20.30 -13.12 7.93
C ARG B 37 20.68 -14.60 7.99
N ARG B 38 19.79 -15.48 7.52
CA ARG B 38 20.00 -16.92 7.69
C ARG B 38 20.93 -17.50 6.64
N ASP B 39 21.03 -16.86 5.46
CA ASP B 39 21.99 -17.28 4.46
C ASP B 39 23.37 -16.65 4.67
N LEU B 40 23.43 -15.49 5.32
CA LEU B 40 24.71 -14.93 5.74
C LEU B 40 25.23 -15.61 7.01
N ASP B 41 24.33 -16.09 7.87
CA ASP B 41 24.75 -16.89 9.02
C ASP B 41 25.36 -18.21 8.58
N ALA B 42 24.99 -18.71 7.40
CA ALA B 42 25.59 -19.94 6.89
C ALA B 42 27.07 -19.75 6.61
N LEU B 43 27.48 -18.53 6.27
CA LEU B 43 28.88 -18.19 6.07
C LEU B 43 29.53 -17.66 7.35
N GLY B 44 28.84 -17.73 8.49
CA GLY B 44 29.38 -17.20 9.73
C GLY B 44 29.52 -15.70 9.76
N LEU B 45 28.80 -14.98 8.90
CA LEU B 45 28.93 -13.53 8.73
C LEU B 45 27.71 -12.86 9.35
N ASP B 46 27.96 -12.24 10.50
CA ASP B 46 26.96 -11.49 11.23
C ASP B 46 26.50 -10.30 10.46
N ALA B 47 25.29 -10.40 9.97
CA ALA B 47 24.71 -9.36 9.18
C ALA B 47 24.46 -8.02 9.83
N ASP B 48 24.39 -7.93 11.14
CA ASP B 48 24.16 -6.64 11.76
C ASP B 48 25.46 -5.90 11.90
N ALA B 49 26.57 -6.60 11.65
CA ALA B 49 27.89 -5.99 11.75
C ALA B 49 28.48 -5.76 10.37
N LEU B 50 28.20 -6.66 9.44
CA LEU B 50 28.71 -6.56 8.08
C LEU B 50 28.54 -5.14 7.54
N ARG B 51 29.64 -4.54 7.11
CA ARG B 51 29.62 -3.18 6.58
C ARG B 51 29.90 -3.18 5.07
N LEU B 52 28.96 -2.65 4.30
CA LEU B 52 29.10 -2.57 2.85
C LEU B 52 28.91 -1.15 2.35
N PRO B 53 29.96 -0.58 1.76
CA PRO B 53 29.92 0.78 1.24
C PRO B 53 29.03 1.00 0.03
N ALA B 54 28.56 2.22 -0.21
CA ALA B 54 27.62 2.46 -1.29
C ALA B 54 27.87 3.85 -1.85
N HIS B 55 27.47 4.02 -3.11
CA HIS B 55 27.67 5.25 -3.84
C HIS B 55 26.31 5.81 -4.22
N LEU B 56 26.20 7.13 -4.22
CA LEU B 56 24.96 7.81 -4.50
C LEU B 56 25.10 8.58 -5.80
N PHE B 57 24.19 8.34 -6.74
CA PHE B 57 24.07 9.11 -7.96
C PHE B 57 22.68 9.73 -7.99
N GLY B 58 22.61 10.98 -8.41
CA GLY B 58 21.34 11.67 -8.44
C GLY B 58 21.28 12.76 -9.48
N VAL B 59 20.11 12.95 -10.07
CA VAL B 59 19.85 14.02 -11.03
C VAL B 59 18.65 14.81 -10.52
N PHE B 60 18.74 16.14 -10.59
CA PHE B 60 17.75 17.02 -9.99
C PHE B 60 17.35 18.08 -11.01
N ASP B 61 16.19 17.89 -11.64
CA ASP B 61 15.66 18.84 -12.61
C ASP B 61 14.90 19.94 -11.87
N GLY B 62 15.50 21.12 -11.78
CA GLY B 62 14.84 22.23 -11.11
C GLY B 62 13.89 22.98 -12.03
N HIS B 63 12.91 23.64 -11.41
CA HIS B 63 11.99 24.53 -12.11
C HIS B 63 11.75 25.77 -11.26
N GLY B 64 11.47 26.89 -11.92
CA GLY B 64 11.30 28.13 -11.20
C GLY B 64 12.57 28.71 -10.63
N GLY B 65 13.72 28.11 -10.95
CA GLY B 65 14.99 28.48 -10.37
C GLY B 65 15.84 27.24 -10.15
N ALA B 66 17.09 27.44 -9.75
CA ALA B 66 18.00 26.32 -9.51
C ALA B 66 18.47 26.30 -8.05
N GLU B 67 17.64 26.83 -7.16
CA GLU B 67 17.96 26.87 -5.74
C GLU B 67 17.63 25.55 -5.06
N VAL B 68 16.55 24.91 -5.50
CA VAL B 68 16.13 23.63 -4.94
C VAL B 68 16.99 22.48 -5.46
N ALA B 69 17.22 22.47 -6.76
CA ALA B 69 18.03 21.42 -7.39
C ALA B 69 19.44 21.44 -6.83
N ASN B 70 20.04 22.63 -6.69
CA ASN B 70 21.37 22.73 -6.11
C ASN B 70 21.36 22.29 -4.65
N TYR B 71 20.31 22.63 -3.91
CA TYR B 71 20.23 22.21 -2.51
C TYR B 71 20.12 20.69 -2.40
N CYS B 72 19.40 20.06 -3.31
CA CYS B 72 19.28 18.60 -3.29
C CYS B 72 20.63 17.94 -3.54
N ARG B 73 21.41 18.50 -4.46
CA ARG B 73 22.75 17.98 -4.72
C ARG B 73 23.63 18.06 -3.47
N GLU B 74 23.49 19.12 -2.69
CA GLU B 74 24.34 19.31 -1.52
C GLU B 74 23.91 18.43 -0.35
N ARG B 75 22.61 18.21 -0.19
CA ARG B 75 22.05 17.78 1.08
C ARG B 75 21.49 16.36 1.10
N ILE B 76 21.01 15.85 -0.05
CA ILE B 76 20.27 14.60 -0.05
C ILE B 76 21.15 13.44 0.42
N HIS B 77 22.38 13.36 -0.07
CA HIS B 77 23.24 12.25 0.31
C HIS B 77 23.67 12.34 1.77
N VAL B 78 23.87 13.56 2.28
CA VAL B 78 24.22 13.73 3.69
C VAL B 78 23.10 13.22 4.59
N VAL B 79 21.86 13.56 4.26
CA VAL B 79 20.71 13.13 5.07
C VAL B 79 20.49 11.63 4.93
N LEU B 80 20.56 11.11 3.71
CA LEU B 80 20.37 9.68 3.50
C LEU B 80 21.44 8.86 4.23
N SER B 81 22.69 9.36 4.21
CA SER B 81 23.76 8.65 4.90
C SER B 81 23.52 8.61 6.41
N ALA B 82 23.15 9.75 6.99
CA ALA B 82 22.85 9.79 8.42
C ALA B 82 21.67 8.91 8.76
N ALA B 83 20.67 8.85 7.88
CA ALA B 83 19.52 7.98 8.11
C ALA B 83 19.91 6.51 7.99
N LEU B 84 20.83 6.18 7.08
CA LEU B 84 21.26 4.80 6.93
C LEU B 84 22.07 4.33 8.13
N ALA B 85 22.94 5.20 8.66
CA ALA B 85 23.76 4.82 9.80
C ALA B 85 22.89 4.54 11.02
N ARG B 86 21.94 5.42 11.32
CA ARG B 86 21.10 5.21 12.48
C ARG B 86 20.05 4.13 12.24
N LEU B 87 19.69 3.85 10.98
CA LEU B 87 18.84 2.71 10.72
C LEU B 87 19.58 1.41 10.98
N GLY B 88 20.88 1.36 10.67
CA GLY B 88 21.65 0.15 10.91
C GLY B 88 21.82 -0.17 12.38
N LYS B 89 22.02 0.87 13.21
CA LYS B 89 22.15 0.64 14.64
C LYS B 89 20.80 0.32 15.29
N ASN B 90 19.69 0.73 14.68
CA ASN B 90 18.38 0.56 15.29
C ASN B 90 17.76 -0.79 14.96
N LEU B 91 17.80 -1.22 13.71
CA LEU B 91 17.23 -2.50 13.32
C LEU B 91 18.05 -3.66 13.88
N ASP B 98 9.05 -6.58 4.49
CA ASP B 98 10.01 -6.27 5.54
C ASP B 98 11.12 -5.36 5.01
N MET B 99 11.87 -5.85 4.02
CA MET B 99 12.99 -5.07 3.51
C MET B 99 12.53 -4.01 2.52
N LYS B 100 11.43 -4.28 1.81
CA LYS B 100 10.78 -3.25 1.01
C LYS B 100 10.29 -2.10 1.89
N GLU B 101 9.71 -2.43 3.03
CA GLU B 101 9.17 -1.42 3.94
C GLU B 101 10.26 -0.47 4.43
N HIS B 102 11.43 -0.99 4.77
CA HIS B 102 12.48 -0.15 5.33
C HIS B 102 13.09 0.77 4.28
N TRP B 103 13.34 0.25 3.07
CA TRP B 103 13.86 1.08 2.00
C TRP B 103 12.91 2.22 1.66
N ASP B 104 11.61 1.91 1.54
CA ASP B 104 10.63 2.96 1.30
C ASP B 104 10.60 3.96 2.44
N ASP B 105 10.84 3.50 3.66
CA ASP B 105 10.74 4.37 4.83
C ASP B 105 11.94 5.30 4.96
N VAL B 106 13.14 4.78 4.69
CA VAL B 106 14.34 5.62 4.82
C VAL B 106 14.38 6.68 3.73
N PHE B 107 13.88 6.37 2.53
CA PHE B 107 13.86 7.35 1.46
C PHE B 107 12.73 8.35 1.63
N THR B 108 11.57 7.90 2.09
CA THR B 108 10.45 8.83 2.30
C THR B 108 10.77 9.82 3.41
N LYS B 109 11.34 9.33 4.51
CA LYS B 109 11.69 10.21 5.61
C LYS B 109 12.88 11.10 5.25
N CYS B 110 13.74 10.64 4.34
CA CYS B 110 14.86 11.47 3.89
C CYS B 110 14.41 12.58 2.95
N PHE B 111 13.58 12.25 1.96
CA PHE B 111 13.10 13.26 1.02
C PHE B 111 12.24 14.30 1.72
N GLN B 112 11.41 13.88 2.68
CA GLN B 112 10.60 14.82 3.44
C GLN B 112 11.48 15.78 4.23
N ARG B 113 12.58 15.28 4.78
CA ARG B 113 13.48 16.13 5.56
C ARG B 113 14.10 17.21 4.69
N VAL B 114 14.56 16.84 3.49
CA VAL B 114 15.11 17.84 2.57
C VAL B 114 14.03 18.82 2.16
N ASP B 115 12.82 18.32 1.90
CA ASP B 115 11.70 19.20 1.55
C ASP B 115 11.39 20.15 2.69
N ASP B 116 11.38 19.64 3.93
CA ASP B 116 11.11 20.50 5.08
C ASP B 116 12.21 21.56 5.26
N GLU B 117 13.46 21.21 4.95
CA GLU B 117 14.52 22.20 5.00
C GLU B 117 14.33 23.27 3.92
N VAL B 118 13.93 22.85 2.72
CA VAL B 118 13.73 23.79 1.62
C VAL B 118 12.60 24.77 1.95
N SER B 119 11.54 24.29 2.59
CA SER B 119 10.36 25.10 2.86
C SER B 119 10.46 25.90 4.16
N GLY B 120 11.55 25.76 4.90
CA GLY B 120 11.68 26.50 6.14
C GLY B 120 10.91 25.93 7.31
N ARG B 121 10.40 24.70 7.21
CA ARG B 121 9.70 24.08 8.32
C ARG B 121 10.65 23.60 9.40
N VAL B 122 11.90 23.31 9.04
CA VAL B 122 12.97 23.07 10.00
C VAL B 122 14.15 23.96 9.62
N THR B 123 15.07 24.12 10.56
CA THR B 123 16.24 24.96 10.34
C THR B 123 17.37 24.14 9.71
N ARG B 124 18.32 24.86 9.13
CA ARG B 124 19.47 24.24 8.47
C ARG B 124 20.74 24.98 8.87
N VAL B 125 21.86 24.26 8.79
CA VAL B 125 23.15 24.80 9.19
C VAL B 125 23.83 25.39 7.96
N VAL B 126 24.49 26.53 8.15
CA VAL B 126 25.17 27.22 7.06
C VAL B 126 26.64 27.43 7.39
N GLY B 130 28.96 27.23 10.18
CA GLY B 130 28.78 26.98 11.61
C GLY B 130 27.56 27.65 12.23
N GLU B 131 26.85 28.50 11.48
CA GLU B 131 25.59 29.10 11.91
C GLU B 131 24.39 28.41 11.24
N VAL B 132 23.22 28.92 11.57
CA VAL B 132 21.94 28.32 11.26
C VAL B 132 21.00 29.35 10.64
N ARG B 133 20.29 28.94 9.59
CA ARG B 133 19.24 29.72 8.95
C ARG B 133 17.91 29.00 9.11
N SER B 134 16.84 29.77 9.36
CA SER B 134 15.51 29.21 9.51
C SER B 134 14.53 29.67 8.42
N GLU B 135 14.90 30.68 7.63
CA GLU B 135 14.06 31.11 6.53
C GLU B 135 14.05 30.06 5.43
N PRO B 136 13.02 30.04 4.58
CA PRO B 136 13.01 29.13 3.43
C PRO B 136 14.22 29.37 2.53
N VAL B 137 14.66 28.30 1.87
CA VAL B 137 15.82 28.41 0.99
C VAL B 137 15.52 29.35 -0.17
N THR B 138 14.29 29.36 -0.66
CA THR B 138 13.90 30.25 -1.75
C THR B 138 12.38 30.36 -1.79
N ALA B 139 11.87 30.94 -2.88
CA ALA B 139 10.45 31.24 -3.01
C ALA B 139 9.62 29.96 -3.13
N GLU B 140 8.30 30.14 -3.06
CA GLU B 140 7.37 29.03 -2.99
C GLU B 140 7.27 28.28 -4.32
N ASN B 141 7.56 28.95 -5.44
CA ASN B 141 7.40 28.37 -6.77
C ASN B 141 8.63 27.60 -7.25
N VAL B 142 9.67 27.48 -6.44
CA VAL B 142 10.89 26.79 -6.83
C VAL B 142 10.83 25.36 -6.33
N GLY B 143 11.09 24.41 -7.23
CA GLY B 143 11.08 23.00 -6.89
C GLY B 143 12.08 22.26 -7.73
N SER B 144 12.10 20.93 -7.55
CA SER B 144 13.05 20.11 -8.30
C SER B 144 12.56 18.66 -8.29
N THR B 145 12.79 17.96 -9.40
CA THR B 145 12.68 16.53 -9.37
C THR B 145 13.89 15.95 -8.63
N ALA B 146 13.79 14.67 -8.27
CA ALA B 146 14.91 13.96 -7.68
C ALA B 146 14.78 12.49 -8.01
N VAL B 147 15.73 11.97 -8.77
CA VAL B 147 15.88 10.54 -9.00
C VAL B 147 17.27 10.16 -8.50
N VAL B 148 17.33 9.27 -7.53
CA VAL B 148 18.60 8.91 -6.93
C VAL B 148 18.82 7.42 -7.13
N ALA B 149 20.08 7.04 -7.31
CA ALA B 149 20.48 5.65 -7.47
C ALA B 149 21.45 5.32 -6.36
N LEU B 150 21.03 4.43 -5.46
CA LEU B 150 21.94 3.87 -4.46
C LEU B 150 22.55 2.62 -5.08
N VAL B 151 23.85 2.66 -5.32
CA VAL B 151 24.56 1.58 -6.00
C VAL B 151 25.53 0.97 -5.00
N CYS B 152 25.33 -0.32 -4.70
CA CYS B 152 26.25 -1.10 -3.91
C CYS B 152 26.60 -2.36 -4.70
N SER B 153 27.41 -3.23 -4.08
CA SER B 153 27.89 -4.42 -4.78
C SER B 153 26.77 -5.37 -5.13
N SER B 154 25.74 -5.46 -4.28
CA SER B 154 24.69 -6.45 -4.47
C SER B 154 23.43 -5.91 -5.13
N HIS B 155 23.10 -4.63 -4.91
CA HIS B 155 21.82 -4.10 -5.36
C HIS B 155 21.99 -2.71 -5.94
N VAL B 156 20.99 -2.33 -6.73
CA VAL B 156 20.75 -0.94 -7.11
C VAL B 156 19.42 -0.54 -6.47
N VAL B 157 19.45 0.49 -5.65
CA VAL B 157 18.24 1.01 -4.99
C VAL B 157 17.95 2.38 -5.58
N VAL B 158 16.77 2.51 -6.17
CA VAL B 158 16.35 3.71 -6.87
C VAL B 158 15.17 4.33 -6.14
N ALA B 159 15.22 5.64 -5.93
CA ALA B 159 14.10 6.41 -5.41
C ALA B 159 13.82 7.55 -6.36
N ASN B 160 12.60 7.61 -6.88
CA ASN B 160 12.22 8.58 -7.89
C ASN B 160 11.15 9.50 -7.36
N CYS B 161 11.31 10.80 -7.63
CA CYS B 161 10.36 11.84 -7.23
C CYS B 161 10.34 12.87 -8.35
N GLY B 162 9.42 12.70 -9.29
CA GLY B 162 9.28 13.63 -10.40
C GLY B 162 9.35 12.98 -11.77
N ASP B 163 9.60 13.78 -12.80
CA ASP B 163 9.56 13.30 -14.17
C ASP B 163 10.96 13.07 -14.76
N SER B 164 11.99 13.02 -13.92
CA SER B 164 13.25 12.46 -14.37
C SER B 164 13.15 10.94 -14.38
N ARG B 165 14.13 10.30 -15.02
CA ARG B 165 14.05 8.85 -15.23
C ARG B 165 15.43 8.23 -15.14
N ILE B 166 15.46 7.01 -14.60
CA ILE B 166 16.66 6.18 -14.58
C ILE B 166 16.34 4.86 -15.27
N VAL B 167 17.25 4.41 -16.12
CA VAL B 167 17.06 3.21 -16.91
C VAL B 167 18.28 2.32 -16.74
N LEU B 168 18.06 1.03 -16.50
CA LEU B 168 19.11 0.05 -16.40
C LEU B 168 19.21 -0.73 -17.70
N CYS B 169 20.44 -1.03 -18.13
CA CYS B 169 20.67 -1.82 -19.34
C CYS B 169 20.98 -3.25 -18.92
N ARG B 170 20.04 -4.16 -19.19
CA ARG B 170 20.21 -5.58 -18.87
C ARG B 170 19.35 -6.39 -19.83
N GLY B 171 19.98 -7.14 -20.74
CA GLY B 171 21.41 -7.04 -20.94
C GLY B 171 21.70 -6.22 -22.18
N LYS B 172 20.83 -6.31 -23.18
CA LYS B 172 20.85 -5.36 -24.29
C LYS B 172 19.52 -4.64 -24.48
N GLU B 173 18.44 -5.09 -23.78
CA GLU B 173 17.18 -4.34 -23.72
C GLU B 173 17.20 -3.38 -22.53
N PRO B 174 16.49 -2.26 -22.65
CA PRO B 174 16.31 -1.36 -21.50
C PRO B 174 15.25 -1.87 -20.54
N VAL B 175 15.45 -1.53 -19.26
CA VAL B 175 14.42 -1.74 -18.24
C VAL B 175 14.35 -0.50 -17.37
N ALA B 176 13.17 0.11 -17.31
CA ALA B 176 12.98 1.37 -16.58
C ALA B 176 12.93 1.09 -15.09
N LEU B 177 13.80 1.75 -14.33
CA LEU B 177 13.81 1.63 -12.88
C LEU B 177 12.98 2.71 -12.19
N SER B 178 12.29 3.56 -12.95
CA SER B 178 11.44 4.59 -12.38
C SER B 178 10.33 4.92 -13.37
N ILE B 179 9.16 5.25 -12.84
CA ILE B 179 8.02 5.65 -13.64
C ILE B 179 7.75 7.12 -13.39
N ASP B 180 7.57 7.89 -14.47
CA ASP B 180 7.43 9.34 -14.37
C ASP B 180 6.15 9.72 -13.62
N HIS B 181 6.27 10.71 -12.75
CA HIS B 181 5.13 11.22 -11.99
C HIS B 181 4.47 12.37 -12.76
N LYS B 182 3.83 12.00 -13.86
CA LYS B 182 3.06 13.06 -14.51
C LYS B 182 1.65 13.09 -13.93
N PRO B 183 1.05 14.27 -13.78
CA PRO B 183 -0.32 14.33 -13.21
C PRO B 183 -1.28 13.54 -14.07
N ASP B 184 -0.96 13.43 -15.35
CA ASP B 184 -1.73 12.68 -16.32
C ASP B 184 -1.86 11.20 -15.92
N ARG B 185 -0.83 10.66 -15.25
CA ARG B 185 -0.85 9.26 -14.84
C ARG B 185 -2.02 8.96 -13.89
N LYS B 186 -2.65 7.81 -14.11
CA LYS B 186 -4.00 7.56 -13.56
C LYS B 186 -3.98 7.46 -12.04
N ASP B 187 -3.01 6.75 -11.46
CA ASP B 187 -2.98 6.64 -10.00
C ASP B 187 -2.62 7.97 -9.35
N GLU B 188 -1.82 8.79 -10.04
CA GLU B 188 -1.51 10.12 -9.54
C GLU B 188 -2.72 11.05 -9.66
N ARG B 189 -3.42 10.97 -10.80
CA ARG B 189 -4.63 11.77 -10.97
C ARG B 189 -5.67 11.44 -9.90
N ALA B 190 -5.82 10.16 -9.57
CA ALA B 190 -6.78 9.77 -8.55
C ALA B 190 -6.39 10.30 -7.17
N ARG B 191 -5.10 10.20 -6.82
CA ARG B 191 -4.65 10.71 -5.53
C ARG B 191 -4.85 12.22 -5.43
N ILE B 192 -4.54 12.95 -6.49
CA ILE B 192 -4.68 14.41 -6.47
C ILE B 192 -6.14 14.80 -6.33
N GLU B 193 -7.01 14.20 -7.15
CA GLU B 193 -8.43 14.53 -7.11
C GLU B 193 -9.08 14.07 -5.81
N ALA B 194 -8.55 13.01 -5.19
CA ALA B 194 -9.11 12.53 -3.93
C ALA B 194 -8.94 13.56 -2.82
N GLN B 195 -7.89 14.39 -2.91
CA GLN B 195 -7.67 15.48 -1.96
C GLN B 195 -8.40 16.76 -2.35
N GLY B 196 -9.31 16.69 -3.33
CA GLY B 196 -9.99 17.88 -3.80
C GLY B 196 -9.25 18.68 -4.85
N GLY B 197 -8.10 18.19 -5.31
CA GLY B 197 -7.34 18.88 -6.33
C GLY B 197 -7.89 18.61 -7.73
N LYS B 198 -7.17 19.12 -8.72
CA LYS B 198 -7.56 18.97 -10.12
C LYS B 198 -6.33 18.77 -10.98
N VAL B 199 -6.48 17.95 -12.02
CA VAL B 199 -5.49 17.81 -13.08
C VAL B 199 -6.10 18.40 -14.34
N ILE B 200 -5.47 19.46 -14.86
CA ILE B 200 -6.01 20.24 -15.97
C ILE B 200 -5.05 20.14 -17.15
N GLN B 201 -5.60 19.95 -18.33
CA GLN B 201 -4.81 20.01 -19.56
C GLN B 201 -4.62 21.48 -19.92
N TRP B 202 -3.37 21.95 -19.86
CA TRP B 202 -3.08 23.37 -20.02
C TRP B 202 -1.62 23.47 -20.49
N ASN B 203 -1.44 23.49 -21.81
CA ASN B 203 -0.17 23.06 -22.41
C ASN B 203 0.32 21.82 -21.69
N GLY B 204 -0.40 20.71 -21.86
CA GLY B 204 -0.11 19.50 -21.13
C GLY B 204 -0.91 19.39 -19.85
N TYR B 205 -1.03 18.17 -19.34
CA TYR B 205 -1.74 17.94 -18.09
C TYR B 205 -0.91 18.43 -16.92
N ARG B 206 -1.51 19.26 -16.07
CA ARG B 206 -0.78 19.92 -14.99
C ARG B 206 -1.62 19.92 -13.72
N VAL B 207 -0.95 19.75 -12.58
CA VAL B 207 -1.61 19.92 -11.29
C VAL B 207 -2.07 21.37 -11.15
N SER B 208 -3.36 21.55 -10.90
CA SER B 208 -3.99 22.87 -10.82
C SER B 208 -3.77 23.67 -12.11
N GLY B 209 -3.44 22.99 -13.21
CA GLY B 209 -3.09 23.67 -14.44
C GLY B 209 -1.73 24.32 -14.45
N ILE B 210 -0.93 24.13 -13.40
CA ILE B 210 0.35 24.83 -13.25
C ILE B 210 1.54 23.90 -13.49
N LEU B 211 1.69 22.87 -12.67
CA LEU B 211 2.91 22.06 -12.65
C LEU B 211 2.70 20.77 -13.43
N ALA B 212 3.61 20.50 -14.36
CA ALA B 212 3.53 19.32 -15.22
C ALA B 212 4.06 18.05 -14.56
N MET B 213 4.14 18.02 -13.23
CA MET B 213 4.53 16.83 -12.49
C MET B 213 3.73 16.78 -11.21
N SER B 214 3.48 15.57 -10.71
CA SER B 214 2.69 15.40 -9.50
C SER B 214 3.51 15.20 -8.23
N ARG B 215 4.83 15.06 -8.35
CA ARG B 215 5.70 14.85 -7.21
C ARG B 215 7.01 15.59 -7.44
N SER B 216 7.54 16.20 -6.38
CA SER B 216 8.79 16.94 -6.47
C SER B 216 9.24 17.33 -5.07
N ILE B 217 10.43 17.91 -4.99
CA ILE B 217 10.95 18.54 -3.78
C ILE B 217 10.72 20.04 -3.90
N GLY B 218 10.14 20.62 -2.85
CA GLY B 218 9.81 22.04 -2.86
C GLY B 218 8.37 22.31 -3.27
N ASP B 219 8.16 23.40 -4.01
CA ASP B 219 6.84 23.84 -4.47
C ASP B 219 5.79 23.75 -3.34
N ARG B 220 6.11 24.39 -2.21
CA ARG B 220 5.20 24.33 -1.07
C ARG B 220 3.86 25.02 -1.34
N TYR B 221 3.80 25.90 -2.34
CA TYR B 221 2.54 26.56 -2.66
C TYR B 221 1.55 25.62 -3.35
N LEU B 222 1.98 24.44 -3.79
CA LEU B 222 1.11 23.48 -4.46
C LEU B 222 0.80 22.30 -3.55
N LYS B 223 0.91 22.47 -2.26
CA LYS B 223 0.60 21.39 -1.33
C LYS B 223 -0.87 21.47 -0.93
N PRO B 224 -1.50 20.31 -0.66
CA PRO B 224 -0.90 18.99 -0.51
C PRO B 224 -0.93 18.11 -1.76
N PHE B 225 -1.05 18.72 -2.94
CA PHE B 225 -1.21 17.94 -4.16
C PHE B 225 0.14 17.46 -4.71
N VAL B 226 1.16 18.30 -4.66
CA VAL B 226 2.50 17.95 -5.12
C VAL B 226 3.31 17.55 -3.88
N ILE B 227 3.60 16.27 -3.76
CA ILE B 227 4.21 15.73 -2.54
C ILE B 227 5.65 15.31 -2.79
N PRO B 228 6.48 15.21 -1.74
CA PRO B 228 7.86 14.71 -1.92
C PRO B 228 8.02 13.21 -1.73
N LYS B 229 6.91 12.48 -1.53
CA LYS B 229 6.83 11.02 -1.48
C LYS B 229 7.51 10.35 -2.66
N PRO B 230 8.65 9.70 -2.46
CA PRO B 230 9.31 9.01 -3.57
C PRO B 230 8.79 7.60 -3.79
N GLU B 231 8.98 7.12 -5.02
CA GLU B 231 8.72 5.73 -5.37
C GLU B 231 10.05 4.99 -5.37
N VAL B 232 10.16 3.96 -4.55
CA VAL B 232 11.43 3.26 -4.31
C VAL B 232 11.36 1.90 -4.98
N MET B 233 12.45 1.50 -5.63
CA MET B 233 12.57 0.20 -6.26
C MET B 233 13.91 -0.42 -5.92
N VAL B 234 13.88 -1.62 -5.33
CA VAL B 234 15.07 -2.38 -4.99
C VAL B 234 15.30 -3.38 -6.11
N VAL B 235 16.43 -3.27 -6.79
CA VAL B 235 16.76 -4.15 -7.90
C VAL B 235 18.06 -4.88 -7.58
N PRO B 236 18.04 -6.22 -7.53
CA PRO B 236 19.31 -6.95 -7.35
C PRO B 236 20.12 -6.93 -8.63
N ARG B 237 21.43 -6.72 -8.48
CA ARG B 237 22.30 -6.66 -9.64
C ARG B 237 22.50 -8.05 -10.21
N ALA B 238 22.10 -8.24 -11.46
CA ALA B 238 22.37 -9.51 -12.14
C ALA B 238 23.75 -9.46 -12.78
N LYS B 239 24.25 -10.65 -13.12
CA LYS B 239 25.52 -10.74 -13.84
C LYS B 239 25.40 -10.34 -15.31
N ASP B 240 24.24 -9.79 -15.70
CA ASP B 240 23.96 -9.40 -17.06
C ASP B 240 23.87 -7.89 -17.24
N ASP B 241 23.86 -7.13 -16.15
CA ASP B 241 23.74 -5.69 -16.23
C ASP B 241 24.97 -5.07 -16.89
N ASP B 242 24.73 -4.01 -17.67
CA ASP B 242 25.80 -3.25 -18.30
C ASP B 242 26.00 -1.90 -17.63
N CYS B 243 24.98 -1.04 -17.63
CA CYS B 243 25.18 0.32 -17.14
C CYS B 243 23.84 0.90 -16.68
N LEU B 244 23.94 1.96 -15.87
CA LEU B 244 22.81 2.76 -15.43
C LEU B 244 22.87 4.12 -16.12
N ILE B 245 21.70 4.65 -16.47
CA ILE B 245 21.59 5.98 -17.07
C ILE B 245 20.60 6.79 -16.25
N LEU B 246 21.09 7.84 -15.59
CA LEU B 246 20.26 8.82 -14.91
C LEU B 246 20.24 10.08 -15.75
N ALA B 247 19.04 10.62 -16.02
CA ALA B 247 18.95 11.80 -16.85
C ALA B 247 17.65 12.53 -16.58
N SER B 248 17.73 13.86 -16.69
CA SER B 248 16.54 14.70 -16.66
C SER B 248 15.72 14.52 -17.94
N ASP B 249 14.52 15.07 -17.94
CA ASP B 249 13.66 14.96 -19.12
C ASP B 249 14.23 15.68 -20.32
N GLY B 250 15.31 16.46 -20.15
CA GLY B 250 16.00 17.02 -21.30
C GLY B 250 16.51 15.97 -22.27
N LEU B 251 16.84 14.78 -21.76
CA LEU B 251 17.23 13.67 -22.62
C LEU B 251 16.03 12.82 -23.03
N TRP B 252 15.24 12.37 -22.04
CA TRP B 252 14.18 11.40 -22.31
C TRP B 252 13.05 11.95 -23.18
N ASP B 253 12.96 13.28 -23.33
CA ASP B 253 11.92 13.85 -24.19
C ASP B 253 12.19 13.56 -25.66
N VAL B 254 13.45 13.37 -26.04
CA VAL B 254 13.81 13.14 -27.43
C VAL B 254 14.55 11.82 -27.65
N VAL B 255 14.99 11.15 -26.59
CA VAL B 255 15.70 9.88 -26.71
C VAL B 255 14.93 8.82 -25.92
N SER B 256 14.70 7.67 -26.54
CA SER B 256 13.97 6.58 -25.92
C SER B 256 14.89 5.73 -25.05
N ASN B 257 14.26 4.87 -24.24
CA ASN B 257 15.03 3.96 -23.39
C ASN B 257 15.88 3.01 -24.21
N GLU B 258 15.31 2.46 -25.29
CA GLU B 258 16.06 1.58 -26.17
C GLU B 258 17.26 2.31 -26.79
N GLU B 259 17.03 3.51 -27.33
CA GLU B 259 18.11 4.26 -27.96
C GLU B 259 19.22 4.59 -26.97
N ALA B 260 18.85 4.99 -25.75
CA ALA B 260 19.86 5.42 -24.78
C ALA B 260 20.71 4.25 -24.31
N CYS B 261 20.10 3.08 -24.11
CA CYS B 261 20.85 1.90 -23.68
C CYS B 261 21.81 1.43 -24.77
N LYS B 262 21.35 1.42 -26.02
CA LYS B 262 22.19 0.97 -27.13
C LYS B 262 23.39 1.89 -27.32
N VAL B 263 23.21 3.18 -27.08
CA VAL B 263 24.30 4.14 -27.28
C VAL B 263 25.31 4.08 -26.13
N ALA B 264 24.82 4.03 -24.89
CA ALA B 264 25.71 4.05 -23.74
C ALA B 264 26.57 2.79 -23.66
N ARG B 265 25.93 1.62 -23.69
CA ARG B 265 26.67 0.37 -23.54
C ARG B 265 27.68 0.17 -24.65
N ARG B 266 27.42 0.72 -25.84
CA ARG B 266 28.35 0.57 -26.96
C ARG B 266 29.45 1.62 -26.93
N GLN B 267 29.13 2.84 -26.51
CA GLN B 267 30.17 3.85 -26.35
C GLN B 267 31.16 3.47 -25.27
N ILE B 268 30.68 2.83 -24.20
CA ILE B 268 31.56 2.37 -23.14
C ILE B 268 32.50 1.28 -23.64
N LEU B 269 31.95 0.30 -24.40
CA LEU B 269 32.76 -0.82 -24.86
C LEU B 269 33.77 -0.38 -25.92
N LEU B 270 33.36 0.51 -26.82
CA LEU B 270 34.19 0.98 -27.92
C LEU B 270 35.24 2.01 -27.50
N TRP B 271 35.16 2.55 -26.29
CA TRP B 271 36.11 3.57 -25.88
C TRP B 271 37.52 2.98 -25.70
N HIS B 272 38.51 3.79 -26.05
CA HIS B 272 39.91 3.38 -25.97
C HIS B 272 40.81 4.62 -25.98
N SER B 288 36.86 11.30 -9.16
CA SER B 288 36.79 11.91 -10.48
C SER B 288 36.03 11.01 -11.46
N THR B 289 35.99 11.42 -12.71
CA THR B 289 35.20 10.74 -13.74
C THR B 289 35.97 9.58 -14.35
N ASP B 290 35.22 8.66 -14.97
CA ASP B 290 35.79 7.59 -15.77
C ASP B 290 35.65 7.91 -17.24
N PRO B 291 36.72 7.79 -18.03
CA PRO B 291 36.67 8.32 -19.40
C PRO B 291 35.68 7.61 -20.31
N ALA B 292 35.56 6.28 -20.19
CA ALA B 292 34.65 5.55 -21.05
C ALA B 292 33.20 5.91 -20.76
N ALA B 293 32.82 5.94 -19.48
CA ALA B 293 31.46 6.34 -19.11
C ALA B 293 31.23 7.81 -19.37
N GLN B 294 32.27 8.64 -19.18
CA GLN B 294 32.15 10.06 -19.53
C GLN B 294 31.89 10.22 -21.02
N ALA B 295 32.48 9.37 -21.85
CA ALA B 295 32.21 9.41 -23.28
C ALA B 295 30.76 9.05 -23.58
N ALA B 296 30.20 8.07 -22.85
CA ALA B 296 28.81 7.71 -23.04
C ALA B 296 27.87 8.83 -22.62
N ALA B 297 28.13 9.44 -21.46
CA ALA B 297 27.29 10.54 -20.99
C ALA B 297 27.39 11.75 -21.91
N ASP B 298 28.60 12.09 -22.35
CA ASP B 298 28.77 13.18 -23.30
C ASP B 298 28.01 12.91 -24.60
N TYR B 299 28.07 11.66 -25.08
CA TYR B 299 27.38 11.32 -26.32
C TYR B 299 25.88 11.47 -26.20
N LEU B 300 25.31 10.98 -25.10
CA LEU B 300 23.85 11.07 -24.91
C LEU B 300 23.40 12.52 -24.84
N MET B 301 24.20 13.38 -24.20
CA MET B 301 23.86 14.79 -24.11
C MET B 301 23.89 15.45 -25.49
N ARG B 302 24.94 15.20 -26.27
CA ARG B 302 25.01 15.74 -27.62
C ARG B 302 23.94 15.14 -28.52
N LEU B 303 23.60 13.86 -28.31
CA LEU B 303 22.54 13.24 -29.10
C LEU B 303 21.20 13.93 -28.84
N ALA B 304 20.89 14.20 -27.58
CA ALA B 304 19.65 14.92 -27.26
C ALA B 304 19.68 16.34 -27.82
N LEU B 305 20.86 16.97 -27.84
CA LEU B 305 20.97 18.32 -28.37
C LEU B 305 20.65 18.37 -29.86
N LYS B 306 21.07 17.37 -30.62
CA LYS B 306 20.87 17.35 -32.06
C LYS B 306 19.49 16.86 -32.47
N LYS B 307 18.70 16.34 -31.54
CA LYS B 307 17.36 15.86 -31.84
C LYS B 307 16.28 16.85 -31.45
N GLY B 308 16.64 18.11 -31.21
CA GLY B 308 15.68 19.16 -30.94
C GLY B 308 15.25 19.23 -29.49
N SER B 309 16.22 19.23 -28.57
CA SER B 309 15.92 19.37 -27.16
C SER B 309 16.13 20.81 -26.74
N GLU B 310 15.06 21.39 -26.17
CA GLU B 310 14.86 22.76 -25.72
C GLU B 310 15.28 22.99 -24.27
N ASP B 311 15.41 21.91 -23.51
CA ASP B 311 15.59 21.92 -22.06
C ASP B 311 17.05 21.83 -21.66
N ASN B 312 17.29 22.06 -20.37
CA ASN B 312 18.54 21.61 -19.76
C ASN B 312 18.66 20.10 -19.92
N ILE B 313 19.88 19.62 -20.14
CA ILE B 313 20.15 18.19 -20.27
C ILE B 313 21.23 17.82 -19.26
N THR B 314 21.00 16.73 -18.54
CA THR B 314 21.95 16.20 -17.57
C THR B 314 21.91 14.69 -17.63
N VAL B 315 23.05 14.05 -17.86
CA VAL B 315 23.13 12.61 -18.01
C VAL B 315 24.22 12.08 -17.09
N ILE B 316 23.88 11.07 -16.29
CA ILE B 316 24.85 10.30 -15.53
C ILE B 316 24.83 8.87 -16.06
N VAL B 317 26.00 8.36 -16.45
CA VAL B 317 26.15 6.97 -16.87
C VAL B 317 27.06 6.27 -15.85
N VAL B 318 26.56 5.20 -15.25
CA VAL B 318 27.29 4.40 -14.29
C VAL B 318 27.56 3.03 -14.90
N ASP B 319 28.84 2.68 -15.05
CA ASP B 319 29.23 1.40 -15.62
C ASP B 319 29.17 0.32 -14.55
N LEU B 320 28.31 -0.67 -14.76
CA LEU B 320 28.09 -1.74 -13.79
C LEU B 320 28.98 -2.96 -14.00
N LYS B 321 29.84 -2.96 -15.02
CA LYS B 321 30.77 -4.06 -15.26
C LYS B 321 32.01 -3.50 -15.95
N PRO B 322 32.84 -2.76 -15.21
CA PRO B 322 33.95 -2.04 -15.84
C PRO B 322 35.12 -2.95 -16.18
N ARG B 323 36.02 -2.41 -17.00
CA ARG B 323 37.20 -3.14 -17.44
C ARG B 323 38.05 -3.57 -16.25
N LYS B 324 38.85 -4.61 -16.46
CA LYS B 324 39.71 -5.13 -15.41
C LYS B 324 41.14 -4.60 -15.55
N VAL C 5 5.39 -34.10 41.36
CA VAL C 5 5.95 -34.43 40.06
C VAL C 5 6.26 -33.16 39.28
N ARG C 6 6.80 -32.16 39.99
CA ARG C 6 7.33 -30.95 39.38
C ARG C 6 8.75 -30.68 39.84
N ARG C 7 9.41 -31.68 40.43
CA ARG C 7 10.86 -31.66 40.50
C ARG C 7 11.42 -31.48 39.09
N PHE C 8 10.70 -31.97 38.09
CA PHE C 8 11.09 -31.83 36.69
C PHE C 8 10.51 -30.59 36.03
N HIS C 9 9.51 -29.95 36.65
CA HIS C 9 8.81 -28.84 36.01
C HIS C 9 8.83 -27.58 36.85
N ARG C 10 9.82 -27.45 37.74
CA ARG C 10 10.06 -26.20 38.44
C ARG C 10 11.09 -25.42 37.66
N HIS C 11 10.80 -24.16 37.39
CA HIS C 11 11.66 -23.33 36.56
C HIS C 11 11.94 -22.01 37.26
N GLU C 12 13.11 -21.46 37.00
CA GLU C 12 13.43 -20.14 37.51
C GLU C 12 13.55 -19.16 36.33
N PRO C 13 12.44 -18.65 35.82
CA PRO C 13 12.51 -17.67 34.74
C PRO C 13 13.09 -16.37 35.24
N ARG C 14 13.85 -15.71 34.37
CA ARG C 14 14.37 -14.39 34.69
C ARG C 14 13.24 -13.37 34.61
N ASP C 15 13.57 -12.09 34.79
CA ASP C 15 12.57 -11.02 34.74
C ASP C 15 11.96 -10.84 33.36
N HIS C 16 12.66 -11.19 32.29
CA HIS C 16 12.17 -10.98 30.93
C HIS C 16 11.87 -12.32 30.25
N GLN C 17 11.62 -13.34 31.05
CA GLN C 17 11.23 -14.67 30.64
C GLN C 17 9.91 -15.02 31.31
N CYS C 18 9.21 -16.00 30.75
CA CYS C 18 7.99 -16.50 31.35
C CYS C 18 8.01 -18.02 31.33
N SER C 19 7.26 -18.61 32.24
CA SER C 19 7.26 -20.06 32.43
C SER C 19 5.86 -20.51 32.80
N SER C 20 5.49 -21.69 32.33
CA SER C 20 4.19 -22.27 32.68
C SER C 20 4.23 -23.76 32.36
N ALA C 21 3.10 -24.42 32.61
CA ALA C 21 2.96 -25.84 32.38
C ALA C 21 1.53 -26.13 31.98
N VAL C 22 1.34 -27.26 31.27
CA VAL C 22 0.02 -27.77 30.92
C VAL C 22 0.03 -29.26 31.22
N ALA C 23 -1.14 -29.78 31.57
CA ALA C 23 -1.28 -31.19 31.90
C ALA C 23 -2.49 -31.78 31.18
N LYS C 24 -2.48 -33.10 31.03
CA LYS C 24 -3.57 -33.80 30.35
C LYS C 24 -3.61 -35.24 30.85
N HIS C 25 -4.81 -35.70 31.19
CA HIS C 25 -5.05 -37.08 31.60
C HIS C 25 -5.52 -37.88 30.40
N ILE C 26 -4.86 -39.00 30.13
CA ILE C 26 -5.10 -39.80 28.93
C ILE C 26 -5.51 -41.20 29.35
N LYS C 27 -6.64 -41.68 28.80
CA LYS C 27 -7.16 -43.01 29.10
C LYS C 27 -6.45 -44.04 28.21
N ALA C 28 -5.18 -44.26 28.52
CA ALA C 28 -4.33 -45.20 27.81
C ALA C 28 -3.12 -45.48 28.68
N PRO C 29 -2.54 -46.68 28.61
CA PRO C 29 -1.39 -46.99 29.46
C PRO C 29 -0.17 -46.15 29.08
N VAL C 30 0.71 -45.97 30.07
CA VAL C 30 1.85 -45.07 29.91
C VAL C 30 2.78 -45.59 28.81
N HIS C 31 2.95 -46.91 28.74
CA HIS C 31 3.85 -47.47 27.73
C HIS C 31 3.39 -47.11 26.32
N LEU C 32 2.08 -47.08 26.09
CA LEU C 32 1.58 -46.70 24.78
C LEU C 32 1.79 -45.21 24.51
N VAL C 33 1.51 -44.36 25.50
CA VAL C 33 1.65 -42.93 25.32
C VAL C 33 3.11 -42.55 25.14
N TRP C 34 4.00 -43.16 25.93
CA TRP C 34 5.43 -42.85 25.81
C TRP C 34 5.99 -43.32 24.47
N SER C 35 5.49 -44.42 23.93
CA SER C 35 5.97 -44.90 22.64
C SER C 35 5.64 -43.91 21.53
N LEU C 36 4.58 -43.13 21.70
CA LEU C 36 4.25 -42.07 20.76
C LEU C 36 5.17 -40.85 20.95
N VAL C 37 5.37 -40.44 22.20
CA VAL C 37 6.14 -39.22 22.47
C VAL C 37 7.62 -39.42 22.15
N ARG C 38 8.15 -40.63 22.40
CA ARG C 38 9.56 -40.88 22.16
C ARG C 38 9.94 -40.71 20.69
N ARG C 39 9.00 -40.90 19.76
CA ARG C 39 9.31 -40.86 18.34
C ARG C 39 9.60 -39.42 17.92
N PHE C 40 10.79 -38.95 18.31
CA PHE C 40 11.19 -37.55 18.11
C PHE C 40 11.15 -37.15 16.64
N ASP C 41 11.37 -38.10 15.73
CA ASP C 41 11.42 -37.78 14.30
C ASP C 41 10.05 -37.64 13.65
N GLN C 42 8.97 -37.99 14.34
CA GLN C 42 7.62 -37.92 13.78
C GLN C 42 6.68 -37.23 14.76
N PRO C 43 6.86 -35.93 15.00
CA PRO C 43 5.89 -35.20 15.84
C PRO C 43 4.52 -35.10 15.22
N GLN C 44 4.42 -35.21 13.89
CA GLN C 44 3.13 -35.22 13.21
C GLN C 44 2.23 -36.36 13.69
N LEU C 45 2.79 -37.34 14.39
CA LEU C 45 2.00 -38.48 14.89
C LEU C 45 0.87 -38.02 15.79
N PHE C 46 1.09 -36.94 16.57
CA PHE C 46 0.04 -36.40 17.41
C PHE C 46 -0.08 -34.88 17.38
N LYS C 47 0.82 -34.18 16.69
CA LYS C 47 0.73 -32.73 16.62
C LYS C 47 0.05 -32.34 15.32
N PRO C 48 -1.19 -31.87 15.34
CA PRO C 48 -1.89 -31.58 14.07
C PRO C 48 -1.30 -30.41 13.31
N PHE C 49 -0.49 -29.56 13.95
CA PHE C 49 0.10 -28.41 13.27
C PHE C 49 1.28 -28.75 12.38
N VAL C 50 1.86 -29.94 12.52
CA VAL C 50 3.08 -30.29 11.81
C VAL C 50 2.72 -30.90 10.46
N SER C 51 3.26 -30.35 9.38
CA SER C 51 3.06 -30.87 8.04
C SER C 51 4.27 -31.58 7.47
N ARG C 52 5.45 -31.44 8.07
CA ARG C 52 6.61 -32.22 7.71
C ARG C 52 7.69 -31.99 8.76
N CYS C 53 8.62 -32.93 8.85
CA CYS C 53 9.65 -32.93 9.87
C CYS C 53 10.83 -33.74 9.37
N GLU C 54 12.00 -33.12 9.31
CA GLU C 54 13.22 -33.76 8.85
C GLU C 54 14.29 -33.69 9.90
N MET C 55 15.02 -34.80 10.07
CA MET C 55 16.18 -34.82 10.95
C MET C 55 17.18 -35.83 10.38
N LYS C 56 18.44 -35.44 10.34
CA LYS C 56 19.49 -36.31 9.83
C LYS C 56 19.95 -37.28 10.91
N GLY C 57 20.23 -38.51 10.49
CA GLY C 57 20.81 -39.50 11.37
C GLY C 57 19.78 -40.10 12.32
N ASN C 58 20.30 -40.85 13.28
CA ASN C 58 19.48 -41.51 14.28
C ASN C 58 19.10 -40.55 15.40
N ILE C 59 18.14 -40.96 16.22
CA ILE C 59 17.68 -40.17 17.35
C ILE C 59 18.64 -40.35 18.52
N GLU C 60 19.29 -39.25 18.92
CA GLU C 60 20.23 -39.28 20.05
C GLU C 60 20.26 -37.89 20.65
N ILE C 61 20.87 -37.80 21.84
CA ILE C 61 21.03 -36.50 22.51
C ILE C 61 21.80 -35.56 21.61
N GLY C 62 21.24 -34.38 21.36
CA GLY C 62 21.82 -33.41 20.46
C GLY C 62 21.24 -33.43 19.07
N SER C 63 20.40 -34.43 18.75
CA SER C 63 19.74 -34.47 17.45
C SER C 63 18.87 -33.24 17.25
N VAL C 64 18.76 -32.82 15.99
CA VAL C 64 18.01 -31.63 15.61
C VAL C 64 17.03 -32.01 14.52
N ARG C 65 15.75 -31.70 14.73
CA ARG C 65 14.73 -31.91 13.73
C ARG C 65 14.28 -30.56 13.18
N GLU C 66 13.96 -30.55 11.89
CA GLU C 66 13.49 -29.35 11.19
C GLU C 66 12.00 -29.53 10.93
N VAL C 67 11.19 -28.71 11.57
CA VAL C 67 9.74 -28.88 11.58
C VAL C 67 9.12 -27.81 10.69
N ASN C 68 8.24 -28.23 9.79
CA ASN C 68 7.43 -27.33 8.98
C ASN C 68 5.98 -27.45 9.42
N VAL C 69 5.36 -26.32 9.73
CA VAL C 69 3.99 -26.31 10.22
C VAL C 69 3.06 -25.84 9.11
N LYS C 70 1.78 -26.14 9.27
CA LYS C 70 0.79 -25.91 8.23
C LYS C 70 0.35 -24.45 8.22
N SER C 71 -0.62 -24.13 7.35
CA SER C 71 -1.15 -22.79 7.22
C SER C 71 -1.99 -22.42 8.44
N GLY C 72 -2.26 -21.13 8.57
CA GLY C 72 -3.09 -20.64 9.67
C GLY C 72 -2.35 -20.46 10.98
N LEU C 73 -1.04 -20.30 10.94
CA LEU C 73 -0.21 -20.18 12.13
C LEU C 73 0.71 -18.98 12.00
N PRO C 74 1.26 -18.48 13.13
CA PRO C 74 2.20 -17.36 13.04
C PRO C 74 3.57 -17.74 12.50
N ALA C 75 3.94 -19.02 12.55
CA ALA C 75 5.24 -19.47 12.11
C ALA C 75 5.09 -20.46 10.96
N THR C 76 6.22 -20.79 10.34
CA THR C 76 6.27 -21.77 9.26
C THR C 76 7.28 -22.87 9.51
N ARG C 77 8.40 -22.55 10.15
CA ARG C 77 9.48 -23.49 10.37
C ARG C 77 9.98 -23.36 11.79
N SER C 78 10.64 -24.42 12.27
CA SER C 78 11.16 -24.46 13.62
C SER C 78 12.27 -25.48 13.68
N THR C 79 13.40 -25.11 14.25
CA THR C 79 14.53 -26.01 14.47
C THR C 79 14.60 -26.32 15.96
N GLU C 80 14.52 -27.59 16.31
CA GLU C 80 14.43 -28.00 17.70
C GLU C 80 15.45 -29.09 17.98
N ARG C 81 16.07 -29.01 19.16
CA ARG C 81 17.21 -29.84 19.51
C ARG C 81 16.85 -30.74 20.69
N LEU C 82 17.10 -32.04 20.54
CA LEU C 82 16.84 -33.00 21.61
C LEU C 82 17.88 -32.82 22.70
N GLU C 83 17.45 -32.39 23.88
CA GLU C 83 18.34 -32.19 25.01
C GLU C 83 18.37 -33.38 25.96
N LEU C 84 17.22 -33.98 26.23
CA LEU C 84 17.14 -35.10 27.16
C LEU C 84 16.05 -36.06 26.68
N LEU C 85 16.37 -37.35 26.68
CA LEU C 85 15.39 -38.41 26.39
C LEU C 85 15.71 -39.57 27.33
N ASP C 86 14.98 -39.65 28.44
CA ASP C 86 15.15 -40.74 29.40
C ASP C 86 14.06 -41.77 29.09
N ASP C 87 14.47 -42.88 28.48
CA ASP C 87 13.52 -43.91 28.09
C ASP C 87 13.03 -44.73 29.27
N ASN C 88 13.72 -44.68 30.41
CA ASN C 88 13.26 -45.36 31.61
C ASN C 88 12.30 -44.52 32.43
N GLU C 89 12.56 -43.22 32.52
CA GLU C 89 11.74 -42.30 33.30
C GLU C 89 10.74 -41.54 32.45
N HIS C 90 10.74 -41.76 31.13
CA HIS C 90 9.80 -41.13 30.21
C HIS C 90 9.85 -39.60 30.34
N ILE C 91 11.03 -39.05 30.05
CA ILE C 91 11.26 -37.61 30.06
C ILE C 91 11.80 -37.20 28.70
N LEU C 92 11.19 -36.17 28.11
CA LEU C 92 11.62 -35.63 26.82
C LEU C 92 11.82 -34.13 26.96
N SER C 93 13.06 -33.68 26.72
CA SER C 93 13.42 -32.27 26.81
C SER C 93 13.87 -31.77 25.45
N VAL C 94 13.29 -30.67 24.99
CA VAL C 94 13.58 -30.09 23.69
C VAL C 94 13.94 -28.61 23.88
N ARG C 95 14.83 -28.12 23.01
CA ARG C 95 15.21 -26.71 23.00
C ARG C 95 15.09 -26.18 21.58
N PHE C 96 14.50 -24.99 21.44
CA PHE C 96 14.36 -24.35 20.15
C PHE C 96 15.66 -23.62 19.80
N VAL C 97 16.22 -23.91 18.62
CA VAL C 97 17.47 -23.31 18.18
C VAL C 97 17.31 -22.61 16.83
N GLY C 98 16.08 -22.30 16.44
CA GLY C 98 15.85 -21.60 15.19
C GLY C 98 14.38 -21.62 14.83
N GLY C 99 14.07 -20.85 13.79
CA GLY C 99 12.70 -20.76 13.31
C GLY C 99 12.14 -19.36 13.39
N ASP C 100 11.10 -19.09 12.60
CA ASP C 100 10.44 -17.78 12.56
C ASP C 100 9.30 -17.67 13.57
N HIS C 101 9.33 -18.46 14.64
CA HIS C 101 8.23 -18.54 15.60
C HIS C 101 8.27 -17.47 16.69
N ARG C 102 9.37 -16.72 16.82
CA ARG C 102 9.54 -15.65 17.81
C ARG C 102 9.62 -16.17 19.25
N LEU C 103 9.91 -17.45 19.44
CA LEU C 103 10.05 -18.05 20.76
C LEU C 103 11.52 -18.35 20.98
N LYS C 104 12.25 -17.41 21.58
CA LYS C 104 13.69 -17.53 21.73
C LYS C 104 14.06 -18.06 23.10
N ASN C 105 15.13 -18.84 23.14
CA ASN C 105 15.55 -19.58 24.33
C ASN C 105 14.40 -20.39 24.92
N TYR C 106 13.57 -20.96 24.05
CA TYR C 106 12.49 -21.83 24.49
C TYR C 106 13.06 -23.18 24.89
N SER C 107 12.88 -23.56 26.15
CA SER C 107 13.24 -24.87 26.66
C SER C 107 12.01 -25.49 27.30
N SER C 108 11.78 -26.77 27.04
CA SER C 108 10.56 -27.41 27.53
C SER C 108 10.86 -28.81 28.04
N ILE C 109 10.08 -29.23 29.03
CA ILE C 109 10.22 -30.53 29.68
C ILE C 109 8.86 -31.23 29.60
N LEU C 110 8.84 -32.42 29.00
CA LEU C 110 7.64 -33.24 28.94
C LEU C 110 7.88 -34.54 29.69
N THR C 111 6.97 -34.87 30.61
CA THR C 111 7.01 -36.12 31.34
C THR C 111 5.63 -36.78 31.31
N VAL C 112 5.62 -38.12 31.39
CA VAL C 112 4.39 -38.90 31.39
C VAL C 112 4.43 -39.85 32.57
N HIS C 113 3.37 -39.86 33.38
CA HIS C 113 3.34 -40.62 34.62
C HIS C 113 2.13 -41.56 34.65
N PRO C 114 2.27 -42.73 35.28
CA PRO C 114 1.14 -43.66 35.36
C PRO C 114 0.05 -43.17 36.30
N GLU C 115 -1.20 -43.46 35.90
CA GLU C 115 -2.37 -43.07 36.69
C GLU C 115 -3.50 -44.04 36.39
N VAL C 116 -4.37 -44.23 37.36
CA VAL C 116 -5.58 -45.03 37.18
C VAL C 116 -6.73 -44.05 36.89
N ILE C 117 -7.34 -44.20 35.72
CA ILE C 117 -8.45 -43.35 35.33
C ILE C 117 -9.70 -44.20 35.06
N ASP C 118 -10.71 -44.07 35.92
CA ASP C 118 -11.91 -44.82 35.76
C ASP C 118 -11.65 -46.30 35.96
N GLY C 119 -10.75 -46.66 36.83
CA GLY C 119 -10.40 -48.02 37.05
C GLY C 119 -9.54 -48.68 36.02
N ARG C 120 -9.23 -47.98 34.92
CA ARG C 120 -8.40 -48.57 33.87
C ARG C 120 -7.04 -47.91 33.78
N PRO C 121 -6.13 -48.49 33.00
CA PRO C 121 -4.79 -47.88 32.88
C PRO C 121 -4.80 -46.49 32.23
N GLY C 122 -4.23 -45.49 32.91
CA GLY C 122 -4.22 -44.14 32.38
C GLY C 122 -2.85 -43.48 32.29
N THR C 123 -2.81 -42.19 32.01
CA THR C 123 -1.54 -41.48 31.90
C THR C 123 -1.75 -40.01 32.19
N LEU C 124 -0.85 -39.42 32.98
CA LEU C 124 -0.78 -37.97 33.13
C LEU C 124 0.44 -37.47 32.37
N VAL C 125 0.22 -36.57 31.42
CA VAL C 125 1.28 -35.93 30.65
C VAL C 125 1.38 -34.48 31.11
N ILE C 126 2.60 -34.06 31.45
CA ILE C 126 2.87 -32.68 31.85
C ILE C 126 3.96 -32.12 30.94
N GLU C 127 3.71 -30.95 30.37
CA GLU C 127 4.70 -30.25 29.58
C GLU C 127 4.85 -28.84 30.13
N SER C 128 6.05 -28.51 30.59
CA SER C 128 6.35 -27.19 31.09
C SER C 128 7.44 -26.57 30.21
N PHE C 129 7.61 -25.26 30.34
CA PHE C 129 8.51 -24.56 29.44
C PHE C 129 9.01 -23.28 30.08
N VAL C 130 10.14 -22.79 29.57
CA VAL C 130 10.65 -21.46 29.82
C VAL C 130 11.03 -20.84 28.48
N VAL C 131 10.76 -19.55 28.32
CA VAL C 131 11.03 -18.88 27.05
C VAL C 131 11.19 -17.40 27.31
N ASP C 132 12.03 -16.74 26.52
CA ASP C 132 12.14 -15.29 26.56
C ASP C 132 10.85 -14.65 26.07
N VAL C 133 10.38 -13.65 26.81
CA VAL C 133 9.24 -12.86 26.35
C VAL C 133 9.75 -11.93 25.25
N PRO C 134 9.29 -12.07 24.02
CA PRO C 134 9.75 -11.14 22.98
C PRO C 134 9.21 -9.75 23.22
N GLU C 135 9.99 -8.75 22.82
CA GLU C 135 9.61 -7.38 23.13
C GLU C 135 8.37 -6.97 22.35
N GLY C 136 7.44 -6.32 23.03
CA GLY C 136 6.15 -5.99 22.49
C GLY C 136 5.04 -6.91 22.93
N ASN C 137 5.36 -7.95 23.71
CA ASN C 137 4.39 -8.87 24.26
C ASN C 137 4.58 -8.96 25.77
N THR C 138 3.52 -9.33 26.46
CA THR C 138 3.56 -9.52 27.91
C THR C 138 3.82 -10.99 28.25
N LYS C 139 4.16 -11.23 29.52
CA LYS C 139 4.23 -12.59 30.02
C LYS C 139 2.89 -13.31 29.91
N ASP C 140 1.80 -12.59 30.18
CA ASP C 140 0.48 -13.22 30.12
C ASP C 140 0.12 -13.59 28.69
N GLU C 141 0.56 -12.80 27.72
CA GLU C 141 0.29 -13.13 26.32
C GLU C 141 1.14 -14.30 25.86
N THR C 142 2.42 -14.31 26.20
CA THR C 142 3.32 -15.38 25.75
C THR C 142 2.91 -16.73 26.34
N CYS C 143 2.59 -16.76 27.64
CA CYS C 143 2.13 -18.00 28.26
C CYS C 143 0.83 -18.48 27.64
N TYR C 144 -0.13 -17.56 27.47
CA TYR C 144 -1.42 -17.92 26.90
C TYR C 144 -1.26 -18.47 25.49
N PHE C 145 -0.34 -17.90 24.70
CA PHE C 145 -0.14 -18.36 23.34
C PHE C 145 0.49 -19.76 23.31
N VAL C 146 1.51 -19.99 24.14
CA VAL C 146 2.16 -21.30 24.17
C VAL C 146 1.24 -22.35 24.76
N GLU C 147 0.54 -22.02 25.86
CA GLU C 147 -0.35 -22.97 26.50
C GLU C 147 -1.45 -23.42 25.55
N ALA C 148 -1.96 -22.51 24.71
CA ALA C 148 -3.01 -22.87 23.78
C ALA C 148 -2.54 -23.91 22.77
N LEU C 149 -1.31 -23.75 22.28
CA LEU C 149 -0.77 -24.71 21.31
C LEU C 149 -0.44 -26.03 21.99
N LEU C 150 0.15 -25.98 23.20
CA LEU C 150 0.45 -27.21 23.93
C LEU C 150 -0.82 -27.95 24.30
N LYS C 151 -1.86 -27.21 24.71
CA LYS C 151 -3.12 -27.85 25.10
C LYS C 151 -3.75 -28.59 23.92
N CYS C 152 -3.72 -27.98 22.73
CA CYS C 152 -4.22 -28.65 21.54
C CYS C 152 -3.40 -29.88 21.19
N ASN C 153 -2.09 -29.83 21.43
CA ASN C 153 -1.24 -30.98 21.11
C ASN C 153 -1.45 -32.12 22.09
N LEU C 154 -1.65 -31.80 23.38
CA LEU C 154 -1.91 -32.85 24.35
C LEU C 154 -3.28 -33.47 24.15
N LYS C 155 -4.27 -32.65 23.78
CA LYS C 155 -5.59 -33.20 23.48
C LYS C 155 -5.54 -34.14 22.27
N SER C 156 -4.73 -33.79 21.28
CA SER C 156 -4.57 -34.67 20.13
C SER C 156 -3.78 -35.93 20.48
N LEU C 157 -2.78 -35.79 21.37
CA LEU C 157 -2.09 -36.98 21.86
C LEU C 157 -3.05 -37.88 22.62
N ALA C 158 -3.97 -37.30 23.38
CA ALA C 158 -4.97 -38.09 24.09
C ALA C 158 -5.87 -38.83 23.11
N GLU C 159 -6.35 -38.14 22.07
CA GLU C 159 -7.21 -38.77 21.08
C GLU C 159 -6.48 -39.89 20.33
N VAL C 160 -5.22 -39.63 19.94
CA VAL C 160 -4.45 -40.63 19.22
C VAL C 160 -4.19 -41.84 20.11
N SER C 161 -3.77 -41.60 21.35
CA SER C 161 -3.50 -42.71 22.26
C SER C 161 -4.75 -43.53 22.55
N GLU C 162 -5.89 -42.86 22.75
CA GLU C 162 -7.11 -43.56 23.11
C GLU C 162 -7.76 -44.28 21.94
N ARG C 163 -7.45 -43.90 20.71
CA ARG C 163 -8.00 -44.58 19.54
C ARG C 163 -7.01 -45.59 18.98
N LEU C 164 -5.94 -45.85 19.73
CA LEU C 164 -5.06 -46.99 19.54
C LEU C 164 -5.18 -48.00 20.67
N VAL C 165 -5.98 -47.69 21.69
CA VAL C 165 -6.32 -48.64 22.73
C VAL C 165 -7.56 -49.42 22.34
N VAL C 166 -8.43 -48.82 21.53
CA VAL C 166 -9.62 -49.49 21.03
C VAL C 166 -9.22 -50.62 20.09
N VAL D 5 -15.36 45.25 -1.86
CA VAL D 5 -15.65 43.96 -1.24
C VAL D 5 -16.57 43.17 -2.16
N ARG D 6 -17.79 43.67 -2.31
CA ARG D 6 -18.70 43.22 -3.35
C ARG D 6 -19.27 44.39 -4.11
N ARG D 7 -19.04 45.62 -3.64
CA ARG D 7 -19.25 46.84 -4.41
C ARG D 7 -18.24 47.01 -5.55
N PHE D 8 -16.98 46.63 -5.32
CA PHE D 8 -15.90 46.90 -6.26
C PHE D 8 -15.60 45.77 -7.25
N HIS D 9 -16.11 44.57 -7.03
CA HIS D 9 -15.64 43.39 -7.74
C HIS D 9 -16.75 42.68 -8.49
N ARG D 10 -17.67 43.43 -9.08
CA ARG D 10 -18.77 42.84 -9.83
C ARG D 10 -18.37 42.68 -11.29
N HIS D 11 -18.54 41.48 -11.83
CA HIS D 11 -18.17 41.21 -13.21
C HIS D 11 -19.37 40.60 -13.93
N GLU D 12 -19.47 40.89 -15.23
CA GLU D 12 -20.48 40.27 -16.06
C GLU D 12 -19.79 39.39 -17.10
N PRO D 13 -19.43 38.16 -16.75
CA PRO D 13 -18.78 37.30 -17.73
C PRO D 13 -19.73 36.91 -18.85
N ARG D 14 -19.20 36.89 -20.06
CA ARG D 14 -19.96 36.40 -21.20
C ARG D 14 -20.02 34.88 -21.15
N ASP D 15 -20.72 34.29 -22.11
CA ASP D 15 -20.52 32.86 -22.35
C ASP D 15 -19.16 32.71 -23.01
N HIS D 16 -18.49 31.59 -22.70
CA HIS D 16 -17.07 31.36 -22.98
C HIS D 16 -16.20 32.26 -22.11
N GLN D 17 -16.75 32.80 -21.03
CA GLN D 17 -16.00 33.58 -20.06
C GLN D 17 -16.30 33.05 -18.66
N CYS D 18 -15.36 33.27 -17.74
CA CYS D 18 -15.55 32.91 -16.34
C CYS D 18 -15.00 34.03 -15.46
N SER D 19 -15.50 34.07 -14.23
CA SER D 19 -15.14 35.11 -13.29
C SER D 19 -15.10 34.53 -11.88
N SER D 20 -14.18 35.05 -11.07
CA SER D 20 -14.07 34.63 -9.68
C SER D 20 -13.29 35.70 -8.91
N ALA D 21 -13.09 35.44 -7.61
CA ALA D 21 -12.38 36.37 -6.74
C ALA D 21 -11.64 35.59 -5.66
N VAL D 22 -10.58 36.20 -5.13
CA VAL D 22 -9.84 35.66 -4.00
C VAL D 22 -9.58 36.79 -3.01
N ALA D 23 -9.49 36.44 -1.74
CA ALA D 23 -9.29 37.41 -0.67
C ALA D 23 -8.18 36.92 0.26
N LYS D 24 -7.58 37.86 0.99
CA LYS D 24 -6.48 37.54 1.90
C LYS D 24 -6.40 38.57 3.00
N HIS D 25 -6.24 38.09 4.24
CA HIS D 25 -6.06 38.97 5.40
C HIS D 25 -4.57 39.14 5.68
N ILE D 26 -4.14 40.40 5.78
CA ILE D 26 -2.73 40.75 5.97
C ILE D 26 -2.59 41.56 7.24
N LYS D 27 -1.69 41.14 8.12
CA LYS D 27 -1.44 41.84 9.38
C LYS D 27 -0.43 42.97 9.15
N ALA D 28 -0.89 44.01 8.48
CA ALA D 28 -0.07 45.18 8.17
C ALA D 28 -1.00 46.32 7.79
N PRO D 29 -0.61 47.57 8.03
CA PRO D 29 -1.48 48.69 7.69
C PRO D 29 -1.70 48.82 6.19
N VAL D 30 -2.82 49.46 5.83
CA VAL D 30 -3.27 49.46 4.45
C VAL D 30 -2.29 50.21 3.54
N HIS D 31 -1.77 51.35 3.99
CA HIS D 31 -0.86 52.11 3.15
C HIS D 31 0.38 51.30 2.79
N LEU D 32 0.86 50.49 3.74
CA LEU D 32 2.04 49.68 3.46
C LEU D 32 1.75 48.61 2.41
N VAL D 33 0.60 47.95 2.51
CA VAL D 33 0.24 46.93 1.53
C VAL D 33 0.00 47.58 0.17
N TRP D 34 -0.66 48.73 0.16
CA TRP D 34 -0.94 49.42 -1.10
C TRP D 34 0.35 49.91 -1.77
N SER D 35 1.35 50.29 -0.98
CA SER D 35 2.61 50.76 -1.56
C SER D 35 3.34 49.66 -2.33
N LEU D 36 3.14 48.40 -1.94
CA LEU D 36 3.71 47.30 -2.72
C LEU D 36 2.93 47.08 -4.01
N VAL D 37 1.60 47.09 -3.92
CA VAL D 37 0.77 46.84 -5.08
C VAL D 37 0.88 48.01 -6.06
N ARG D 38 1.09 49.21 -5.53
CA ARG D 38 1.20 50.42 -6.35
C ARG D 38 2.34 50.35 -7.36
N ARG D 39 3.43 49.65 -7.03
CA ARG D 39 4.62 49.63 -7.86
C ARG D 39 4.37 48.74 -9.09
N PHE D 40 3.61 49.30 -10.04
CA PHE D 40 3.19 48.54 -11.21
C PHE D 40 4.37 48.01 -12.01
N ASP D 41 5.51 48.71 -12.00
CA ASP D 41 6.67 48.29 -12.77
C ASP D 41 7.51 47.22 -12.08
N GLN D 42 7.22 46.89 -10.82
CA GLN D 42 7.98 45.86 -10.08
C GLN D 42 7.03 44.86 -9.43
N PRO D 43 6.32 44.06 -10.22
CA PRO D 43 5.51 42.98 -9.63
C PRO D 43 6.34 41.91 -8.93
N GLN D 44 7.63 41.78 -9.28
CA GLN D 44 8.51 40.82 -8.60
C GLN D 44 8.58 41.04 -7.10
N LEU D 45 8.16 42.22 -6.61
CA LEU D 45 8.20 42.50 -5.18
C LEU D 45 7.38 41.49 -4.38
N PHE D 46 6.27 40.99 -4.93
CA PHE D 46 5.46 40.00 -4.23
C PHE D 46 5.01 38.83 -5.08
N LYS D 47 5.24 38.83 -6.39
CA LYS D 47 4.86 37.69 -7.22
C LYS D 47 6.09 36.83 -7.49
N PRO D 48 6.19 35.65 -6.89
CA PRO D 48 7.41 34.84 -7.08
C PRO D 48 7.57 34.28 -8.49
N PHE D 49 6.51 34.25 -9.30
CA PHE D 49 6.59 33.69 -10.65
C PHE D 49 7.29 34.60 -11.65
N VAL D 50 7.48 35.87 -11.33
CA VAL D 50 7.98 36.84 -12.29
C VAL D 50 9.49 36.85 -12.26
N SER D 51 10.11 36.70 -13.42
CA SER D 51 11.55 36.79 -13.51
C SER D 51 12.03 38.12 -14.10
N ARG D 52 11.12 38.87 -14.73
CA ARG D 52 11.24 40.27 -15.13
C ARG D 52 9.98 40.88 -15.70
N CYS D 53 10.02 42.21 -15.69
CA CYS D 53 8.96 43.14 -16.02
C CYS D 53 9.68 44.40 -16.50
N GLU D 54 9.37 44.82 -17.72
CA GLU D 54 9.95 46.02 -18.32
C GLU D 54 8.81 47.01 -18.58
N MET D 55 9.05 48.28 -18.26
CA MET D 55 8.04 49.29 -18.58
C MET D 55 8.72 50.61 -18.88
N LYS D 56 8.31 51.24 -19.98
CA LYS D 56 8.81 52.54 -20.38
C LYS D 56 7.97 53.63 -19.73
N GLY D 57 8.62 54.72 -19.35
CA GLY D 57 7.90 55.89 -18.87
C GLY D 57 7.41 55.77 -17.45
N ASN D 58 6.52 56.71 -17.10
CA ASN D 58 5.94 56.78 -15.77
C ASN D 58 4.81 55.77 -15.62
N ILE D 59 4.42 55.55 -14.36
CA ILE D 59 3.28 54.69 -14.05
C ILE D 59 2.02 55.53 -14.21
N GLU D 60 1.19 55.18 -15.19
CA GLU D 60 -0.03 55.93 -15.45
C GLU D 60 -1.05 55.04 -16.13
N ILE D 61 -2.28 55.54 -16.23
CA ILE D 61 -3.33 54.83 -16.94
C ILE D 61 -2.89 54.61 -18.37
N GLY D 62 -2.93 53.36 -18.83
CA GLY D 62 -2.46 53.00 -20.14
C GLY D 62 -1.03 52.47 -20.17
N SER D 63 -0.31 52.56 -19.06
CA SER D 63 1.04 51.99 -19.02
C SER D 63 1.00 50.50 -19.30
N VAL D 64 2.04 50.00 -19.94
CA VAL D 64 2.14 48.60 -20.34
C VAL D 64 3.45 48.05 -19.82
N ARG D 65 3.38 46.95 -19.07
CA ARG D 65 4.55 46.25 -18.59
C ARG D 65 4.67 44.90 -19.31
N GLU D 66 5.92 44.49 -19.56
CA GLU D 66 6.22 43.23 -20.23
C GLU D 66 6.81 42.28 -19.21
N VAL D 67 6.09 41.21 -18.90
CA VAL D 67 6.43 40.30 -17.81
C VAL D 67 6.96 38.99 -18.39
N ASN D 68 8.10 38.54 -17.86
CA ASN D 68 8.66 37.23 -18.15
C ASN D 68 8.57 36.38 -16.89
N VAL D 69 7.99 35.19 -17.01
CA VAL D 69 7.82 34.30 -15.88
C VAL D 69 8.82 33.16 -15.97
N LYS D 70 9.07 32.52 -14.83
CA LYS D 70 10.10 31.51 -14.69
C LYS D 70 9.63 30.15 -15.20
N SER D 71 10.49 29.14 -15.04
CA SER D 71 10.20 27.79 -15.48
C SER D 71 9.12 27.14 -14.63
N GLY D 72 8.58 26.03 -15.14
CA GLY D 72 7.56 25.29 -14.43
C GLY D 72 6.16 25.83 -14.57
N LEU D 73 5.89 26.61 -15.60
CA LEU D 73 4.60 27.26 -15.82
C LEU D 73 4.13 26.99 -17.24
N PRO D 74 2.85 27.16 -17.51
CA PRO D 74 2.37 26.98 -18.90
C PRO D 74 2.77 28.12 -19.83
N ALA D 75 3.08 29.30 -19.31
CA ALA D 75 3.43 30.45 -20.13
C ALA D 75 4.84 30.93 -19.81
N THR D 76 5.34 31.85 -20.63
CA THR D 76 6.66 32.44 -20.42
C THR D 76 6.59 33.96 -20.40
N ARG D 77 5.67 34.55 -21.17
CA ARG D 77 5.60 36.00 -21.31
C ARG D 77 4.17 36.48 -21.14
N SER D 78 4.04 37.76 -20.78
CA SER D 78 2.74 38.39 -20.57
C SER D 78 2.90 39.90 -20.62
N THR D 79 2.06 40.55 -21.42
CA THR D 79 1.98 42.01 -21.47
C THR D 79 0.64 42.45 -20.89
N GLU D 80 0.69 43.33 -19.89
CA GLU D 80 -0.50 43.74 -19.16
C GLU D 80 -0.55 45.26 -19.09
N ARG D 81 -1.76 45.79 -19.15
CA ARG D 81 -2.01 47.22 -19.31
C ARG D 81 -2.69 47.76 -18.06
N LEU D 82 -2.12 48.82 -17.50
CA LEU D 82 -2.71 49.47 -16.33
C LEU D 82 -3.97 50.20 -16.74
N GLU D 83 -5.12 49.75 -16.23
CA GLU D 83 -6.41 50.35 -16.55
C GLU D 83 -6.87 51.36 -15.52
N LEU D 84 -6.65 51.10 -14.24
CA LEU D 84 -7.11 51.99 -13.19
C LEU D 84 -6.12 51.98 -12.05
N LEU D 85 -5.81 53.17 -11.52
CA LEU D 85 -4.96 53.33 -10.35
C LEU D 85 -5.56 54.45 -9.50
N ASP D 86 -6.40 54.08 -8.53
CA ASP D 86 -6.98 55.03 -7.60
C ASP D 86 -6.18 54.93 -6.30
N ASP D 87 -5.31 55.92 -6.07
CA ASP D 87 -4.45 55.90 -4.90
C ASP D 87 -5.20 56.31 -3.63
N ASN D 88 -6.37 56.91 -3.75
CA ASN D 88 -7.16 57.26 -2.56
C ASN D 88 -8.02 56.10 -2.10
N GLU D 89 -8.59 55.35 -3.04
CA GLU D 89 -9.44 54.21 -2.72
C GLU D 89 -8.72 52.87 -2.84
N HIS D 90 -7.45 52.88 -3.23
CA HIS D 90 -6.63 51.67 -3.32
C HIS D 90 -7.29 50.62 -4.23
N ILE D 91 -7.45 51.01 -5.50
CA ILE D 91 -8.00 50.14 -6.53
C ILE D 91 -6.98 50.03 -7.66
N LEU D 92 -6.65 48.80 -8.05
CA LEU D 92 -5.71 48.53 -9.13
C LEU D 92 -6.36 47.60 -10.13
N SER D 93 -6.52 48.07 -11.37
CA SER D 93 -7.12 47.29 -12.43
C SER D 93 -6.12 47.08 -13.55
N VAL D 94 -5.95 45.82 -13.97
CA VAL D 94 -5.02 45.47 -15.04
C VAL D 94 -5.78 44.67 -16.09
N ARG D 95 -5.33 44.80 -17.34
CA ARG D 95 -5.87 44.07 -18.47
C ARG D 95 -4.73 43.44 -19.25
N PHE D 96 -4.90 42.17 -19.63
CA PHE D 96 -3.90 41.46 -20.42
C PHE D 96 -4.04 41.83 -21.89
N VAL D 97 -2.95 42.29 -22.49
CA VAL D 97 -2.97 42.72 -23.89
C VAL D 97 -1.91 41.97 -24.70
N GLY D 98 -1.44 40.84 -24.19
CA GLY D 98 -0.46 40.07 -24.91
C GLY D 98 0.17 39.01 -24.03
N GLY D 99 1.00 38.19 -24.65
CA GLY D 99 1.69 37.11 -23.97
C GLY D 99 1.34 35.74 -24.53
N ASP D 100 2.19 34.75 -24.29
CA ASP D 100 1.97 33.40 -24.79
C ASP D 100 1.12 32.55 -23.85
N HIS D 101 0.34 33.18 -22.99
CA HIS D 101 -0.48 32.46 -22.03
C HIS D 101 -1.80 32.09 -22.70
N ARG D 102 -2.73 31.51 -21.94
CA ARG D 102 -4.04 31.14 -22.48
C ARG D 102 -5.16 31.93 -21.83
N LEU D 103 -4.85 33.07 -21.22
CA LEU D 103 -5.82 33.92 -20.55
C LEU D 103 -6.00 35.21 -21.36
N LYS D 104 -6.94 35.18 -22.30
CA LYS D 104 -7.17 36.30 -23.20
C LYS D 104 -8.37 37.11 -22.72
N ASN D 105 -8.33 38.41 -23.01
CA ASN D 105 -9.29 39.37 -22.45
C ASN D 105 -9.37 39.25 -20.94
N TYR D 106 -8.21 39.01 -20.31
CA TYR D 106 -8.13 38.94 -18.86
C TYR D 106 -8.15 40.34 -18.28
N SER D 107 -9.16 40.61 -17.45
CA SER D 107 -9.26 41.85 -16.70
C SER D 107 -9.39 41.52 -15.22
N SER D 108 -8.68 42.26 -14.38
CA SER D 108 -8.68 41.99 -12.95
C SER D 108 -8.71 43.29 -12.17
N ILE D 109 -9.36 43.24 -11.00
CA ILE D 109 -9.50 44.39 -10.11
C ILE D 109 -8.99 43.98 -8.73
N LEU D 110 -8.03 44.72 -8.21
CA LEU D 110 -7.51 44.51 -6.86
C LEU D 110 -7.84 45.71 -6.00
N THR D 111 -8.39 45.46 -4.82
CA THR D 111 -8.68 46.51 -3.85
C THR D 111 -8.09 46.13 -2.51
N VAL D 112 -7.74 47.15 -1.73
CA VAL D 112 -7.12 46.99 -0.43
C VAL D 112 -7.95 47.76 0.58
N HIS D 113 -8.40 47.09 1.63
CA HIS D 113 -9.33 47.71 2.57
C HIS D 113 -8.80 47.62 3.99
N PRO D 114 -9.06 48.64 4.82
CA PRO D 114 -8.64 48.56 6.22
C PRO D 114 -9.48 47.56 7.01
N GLU D 115 -8.80 46.86 7.91
CA GLU D 115 -9.44 45.86 8.75
C GLU D 115 -8.65 45.76 10.04
N VAL D 116 -9.31 45.37 11.12
CA VAL D 116 -8.66 45.14 12.40
C VAL D 116 -8.41 43.64 12.54
N ILE D 117 -7.14 43.27 12.64
CA ILE D 117 -6.72 41.88 12.84
C ILE D 117 -6.00 41.78 14.17
N ASP D 118 -6.49 40.92 15.05
CA ASP D 118 -5.90 40.68 16.37
C ASP D 118 -5.77 41.98 17.16
N GLY D 119 -6.72 42.88 16.99
CA GLY D 119 -6.72 44.14 17.72
C GLY D 119 -5.82 45.21 17.16
N ARG D 120 -5.10 44.93 16.08
CA ARG D 120 -4.19 45.89 15.47
C ARG D 120 -4.65 46.24 14.07
N PRO D 121 -4.20 47.36 13.52
CA PRO D 121 -4.50 47.69 12.12
C PRO D 121 -4.04 46.58 11.18
N GLY D 122 -4.95 46.14 10.32
CA GLY D 122 -4.67 45.11 9.34
C GLY D 122 -5.25 45.45 7.98
N THR D 123 -5.21 44.51 7.04
CA THR D 123 -5.58 44.77 5.67
C THR D 123 -6.29 43.57 5.08
N LEU D 124 -7.40 43.82 4.38
CA LEU D 124 -8.07 42.84 3.55
C LEU D 124 -7.76 43.17 2.09
N VAL D 125 -7.20 42.22 1.36
CA VAL D 125 -6.93 42.36 -0.07
C VAL D 125 -7.89 41.46 -0.82
N ILE D 126 -8.57 42.03 -1.83
CA ILE D 126 -9.49 41.29 -2.68
C ILE D 126 -9.08 41.47 -4.13
N GLU D 127 -8.93 40.37 -4.85
CA GLU D 127 -8.63 40.39 -6.28
C GLU D 127 -9.64 39.52 -7.01
N SER D 128 -10.38 40.12 -7.94
CA SER D 128 -11.34 39.42 -8.78
C SER D 128 -10.92 39.55 -10.24
N PHE D 129 -11.50 38.73 -11.09
CA PHE D 129 -11.06 38.66 -12.48
C PHE D 129 -12.19 38.18 -13.39
N VAL D 130 -12.06 38.52 -14.68
CA VAL D 130 -12.85 37.93 -15.76
C VAL D 130 -11.89 37.58 -16.88
N VAL D 131 -12.13 36.44 -17.54
CA VAL D 131 -11.21 35.97 -18.57
C VAL D 131 -11.95 35.06 -19.53
N ASP D 132 -11.49 35.04 -20.79
CA ASP D 132 -12.01 34.09 -21.77
C ASP D 132 -11.60 32.67 -21.40
N VAL D 133 -12.54 31.74 -21.50
CA VAL D 133 -12.26 30.32 -21.30
C VAL D 133 -11.54 29.78 -22.54
N PRO D 134 -10.31 29.31 -22.40
CA PRO D 134 -9.58 28.78 -23.57
C PRO D 134 -10.20 27.50 -24.08
N GLU D 135 -9.98 27.25 -25.38
CA GLU D 135 -10.62 26.13 -26.05
C GLU D 135 -10.14 24.81 -25.48
N GLY D 136 -11.08 23.92 -25.15
CA GLY D 136 -10.76 22.64 -24.55
C GLY D 136 -10.87 22.58 -23.05
N ASN D 137 -11.23 23.69 -22.39
CA ASN D 137 -11.31 23.74 -20.94
C ASN D 137 -12.68 24.23 -20.48
N THR D 138 -13.01 23.93 -19.23
CA THR D 138 -14.25 24.34 -18.60
C THR D 138 -14.09 25.66 -17.86
N LYS D 139 -15.23 26.22 -17.49
CA LYS D 139 -15.23 27.38 -16.59
C LYS D 139 -14.57 27.04 -15.25
N ASP D 140 -14.82 25.84 -14.72
CA ASP D 140 -14.28 25.49 -13.42
C ASP D 140 -12.76 25.28 -13.43
N GLU D 141 -12.20 24.76 -14.53
CA GLU D 141 -10.76 24.59 -14.60
C GLU D 141 -10.05 25.93 -14.72
N THR D 142 -10.58 26.83 -15.56
CA THR D 142 -9.95 28.13 -15.74
C THR D 142 -9.97 28.93 -14.43
N CYS D 143 -11.10 28.92 -13.74
CA CYS D 143 -11.18 29.60 -12.44
C CYS D 143 -10.23 28.96 -11.44
N TYR D 144 -10.21 27.63 -11.36
CA TYR D 144 -9.32 26.94 -10.44
C TYR D 144 -7.86 27.25 -10.76
N PHE D 145 -7.52 27.35 -12.04
CA PHE D 145 -6.16 27.64 -12.45
C PHE D 145 -5.76 29.08 -12.08
N VAL D 146 -6.65 30.03 -12.35
CA VAL D 146 -6.35 31.43 -12.05
C VAL D 146 -6.35 31.67 -10.54
N GLU D 147 -7.32 31.10 -9.83
CA GLU D 147 -7.41 31.29 -8.38
C GLU D 147 -6.16 30.79 -7.67
N ALA D 148 -5.61 29.67 -8.12
CA ALA D 148 -4.42 29.11 -7.48
C ALA D 148 -3.23 30.07 -7.63
N LEU D 149 -3.08 30.67 -8.80
CA LEU D 149 -1.98 31.60 -9.03
C LEU D 149 -2.18 32.90 -8.25
N LEU D 150 -3.41 33.42 -8.26
CA LEU D 150 -3.70 34.64 -7.50
C LEU D 150 -3.54 34.43 -6.01
N LYS D 151 -4.02 33.30 -5.48
CA LYS D 151 -3.91 33.03 -4.06
C LYS D 151 -2.45 32.91 -3.62
N CYS D 152 -1.63 32.24 -4.44
CA CYS D 152 -0.20 32.16 -4.13
C CYS D 152 0.44 33.55 -4.12
N ASN D 153 -0.03 34.44 -5.00
CA ASN D 153 0.52 35.78 -5.05
C ASN D 153 0.06 36.61 -3.85
N LEU D 154 -1.18 36.41 -3.40
CA LEU D 154 -1.67 37.14 -2.23
C LEU D 154 -0.99 36.66 -0.95
N LYS D 155 -0.75 35.35 -0.85
CA LYS D 155 -0.04 34.84 0.32
C LYS D 155 1.39 35.36 0.35
N SER D 156 2.01 35.51 -0.82
CA SER D 156 3.35 36.08 -0.89
C SER D 156 3.33 37.57 -0.57
N LEU D 157 2.28 38.28 -1.00
CA LEU D 157 2.12 39.68 -0.62
C LEU D 157 1.96 39.81 0.89
N ALA D 158 1.21 38.91 1.51
CA ALA D 158 1.04 38.93 2.95
C ALA D 158 2.36 38.70 3.68
N GLU D 159 3.14 37.73 3.21
CA GLU D 159 4.42 37.42 3.86
C GLU D 159 5.37 38.61 3.79
N VAL D 160 5.44 39.28 2.64
CA VAL D 160 6.31 40.44 2.50
C VAL D 160 5.83 41.58 3.39
N SER D 161 4.52 41.87 3.36
CA SER D 161 3.99 42.98 4.14
C SER D 161 4.20 42.77 5.64
N GLU D 162 4.02 41.55 6.12
CA GLU D 162 4.15 41.29 7.55
C GLU D 162 5.60 41.30 8.00
N ARG D 163 6.54 41.20 7.07
CA ARG D 163 7.96 41.27 7.37
C ARG D 163 8.51 42.68 7.17
N LEU D 164 7.64 43.66 6.95
CA LEU D 164 8.01 45.06 7.00
C LEU D 164 7.43 45.80 8.19
N VAL D 165 6.48 45.21 8.91
CA VAL D 165 5.99 45.75 10.16
C VAL D 165 6.67 45.03 11.33
N VAL D 166 6.88 45.76 12.41
CA VAL D 166 7.46 45.19 13.62
C VAL D 166 6.49 44.22 14.27
MG MG E . -5.35 -16.93 2.14
MG MG F . -5.31 -20.72 3.17
MG MG G . 13.38 19.60 -17.51
MG MG H . 14.87 22.28 -15.09
S PYV I . 4.38 -27.71 17.09
BR PYV I . 3.17 -21.51 15.65
C1 PYV I . 3.77 -23.29 16.12
N1 PYV I . 4.87 -27.87 18.73
O1 PYV I . 5.29 -28.40 16.19
C2 PYV I . 5.09 -23.68 16.45
N2 PYV I . 5.60 -26.11 21.35
O2 PYV I . 3.10 -28.38 16.83
C3 PYV I . 5.36 -24.99 16.75
C4 PYV I . 4.32 -25.93 16.73
C5 PYV I . 3.03 -25.56 16.41
C6 PYV I . 2.75 -24.23 16.09
C7 PYV I . 6.66 -25.39 17.11
C8 PYV I . 7.68 -24.47 17.13
C9 PYV I . 7.42 -23.14 16.82
C10 PYV I . 6.14 -22.74 16.48
C11 PYV I . 4.06 -27.28 19.79
C12 PYV I . 4.69 -26.01 20.36
C13 PYV I . 6.15 -24.98 21.87
C14 PYV I . 5.78 -23.74 21.38
C15 PYV I . 4.87 -23.65 20.38
C16 PYV I . 4.32 -24.78 19.88
S SO4 J . -2.28 -18.33 6.02
O1 SO4 J . -1.29 -19.38 6.22
O2 SO4 J . -3.51 -18.68 6.73
O3 SO4 J . -1.77 -17.06 6.54
O4 SO4 J . -2.56 -18.19 4.59
S PYV K . 1.96 36.47 -12.65
BR PYV K . 1.27 30.96 -16.01
C1 PYV K . 1.38 32.72 -15.21
N1 PYV K . 0.45 37.15 -12.24
O1 PYV K . 2.87 37.46 -13.20
C2 PYV K . 0.96 33.93 -15.79
N2 PYV K . -2.72 36.68 -12.75
O2 PYV K . 2.69 36.02 -11.46
C3 PYV K . 1.10 35.11 -15.09
C4 PYV K . 1.66 35.10 -13.81
C5 PYV K . 2.07 33.91 -13.22
C6 PYV K . 1.92 32.71 -13.93
C7 PYV K . 0.69 36.33 -15.67
C8 PYV K . 0.13 36.33 -16.94
C9 PYV K . 0.00 35.14 -17.65
C10 PYV K . 0.40 33.94 -17.09
C11 PYV K . -0.55 36.32 -11.57
C12 PYV K . -1.65 35.89 -12.54
C13 PYV K . -3.69 36.29 -13.61
C14 PYV K . -3.59 35.07 -14.26
C15 PYV K . -2.52 34.27 -14.04
C16 PYV K . -1.55 34.67 -13.19
S SO4 L . 10.12 23.26 -17.61
O1 SO4 L . 10.26 23.28 -16.16
O2 SO4 L . 8.89 22.58 -17.97
O3 SO4 L . 10.08 24.63 -18.11
O4 SO4 L . 11.26 22.57 -18.20
#